data_2YH2
#
_entry.id   2YH2
#
_cell.length_a   57.282
_cell.length_b   72.335
_cell.length_c   141.873
_cell.angle_alpha   90.00
_cell.angle_beta   90.19
_cell.angle_gamma   90.00
#
_symmetry.space_group_name_H-M   'P 1 21 1'
#
loop_
_entity.id
_entity.type
_entity.pdbx_description
1 polymer ESTERASE
2 non-polymer 'SULFATE ION'
3 water water
#
_entity_poly.entity_id   1
_entity_poly.type   'polypeptide(L)'
_entity_poly.pdbx_seq_one_letter_code
;MPLSPILRQILQQLAAQLQFRPDMDVKTVREQFEKSSLILVKMANEPIHRVEDITIPGRGGPIRARVYRPRDGERLPAVV
YYHGGGFVLGSVETHDHVCRRLANLSGAVVVSVDYRLAPEHKFPAAVEDAYDAAKWVADNYDKLGVDNGKIAVAGDSAGG
NLAAVTAIMARDRGESFVKYQVLIYPAVNLTGSPTVSRVEYSGPEYVILTADLMAWFGRQYFSKPQDALSPYASPIFADL
SNLPPALVITAEYDPLRDEGELYAHLLKTRGVRAVAVRYNGVIHGFVNFYPILEEGREAVSQIAASIKSMAVA
;
_entity_poly.pdbx_strand_id   A,B,C,D
#
loop_
_chem_comp.id
_chem_comp.type
_chem_comp.name
_chem_comp.formula
SO4 non-polymer 'SULFATE ION' 'O4 S -2'
#
# COMPACT_ATOMS: atom_id res chain seq x y z
N MET A 1 1.90 -8.42 -1.44
CA MET A 1 2.12 -9.90 -1.50
C MET A 1 1.62 -10.49 -2.83
N PRO A 2 2.41 -11.38 -3.46
CA PRO A 2 1.95 -11.92 -4.75
C PRO A 2 0.75 -12.88 -4.63
N LEU A 3 0.14 -13.19 -5.77
CA LEU A 3 -0.88 -14.21 -5.83
C LEU A 3 -0.28 -15.54 -5.39
N SER A 4 -1.02 -16.29 -4.60
CA SER A 4 -0.67 -17.67 -4.32
C SER A 4 -0.44 -18.35 -5.68
N PRO A 5 0.67 -19.08 -5.83
CA PRO A 5 0.98 -19.77 -7.07
C PRO A 5 -0.15 -20.64 -7.65
N ILE A 6 -0.82 -21.42 -6.80
CA ILE A 6 -1.88 -22.31 -7.27
C ILE A 6 -3.03 -21.49 -7.82
N LEU A 7 -3.36 -20.41 -7.14
CA LEU A 7 -4.44 -19.53 -7.56
C LEU A 7 -4.07 -18.91 -8.89
N ARG A 8 -2.80 -18.54 -9.02
CA ARG A 8 -2.26 -17.97 -10.25
C ARG A 8 -2.48 -18.98 -11.38
N GLN A 9 -2.22 -20.25 -11.08
CA GLN A 9 -2.42 -21.36 -12.02
C GLN A 9 -3.89 -21.61 -12.34
N ILE A 10 -4.75 -21.51 -11.34
CA ILE A 10 -6.20 -21.70 -11.52
C ILE A 10 -6.82 -20.56 -12.32
N LEU A 11 -6.29 -19.36 -12.15
CA LEU A 11 -6.78 -18.18 -12.89
C LEU A 11 -6.52 -18.23 -14.40
N GLN A 12 -5.54 -19.03 -14.84
CA GLN A 12 -5.17 -19.08 -16.27
C GLN A 12 -6.20 -19.82 -17.14
N GLN A 13 -7.47 -19.78 -16.73
CA GLN A 13 -8.54 -20.47 -17.44
C GLN A 13 -9.57 -19.48 -17.97
N LEU A 14 -10.01 -19.75 -19.20
CA LEU A 14 -10.83 -18.83 -20.00
C LEU A 14 -12.11 -19.51 -20.48
N PHE A 20 -17.10 -13.99 -19.53
CA PHE A 20 -18.31 -13.17 -19.42
C PHE A 20 -18.35 -12.04 -20.47
N ARG A 21 -19.56 -11.64 -20.84
CA ARG A 21 -19.81 -10.44 -21.62
C ARG A 21 -21.12 -9.76 -21.15
N PRO A 22 -21.17 -8.41 -21.18
CA PRO A 22 -22.38 -7.64 -20.83
C PRO A 22 -23.66 -7.96 -21.63
N ASP A 23 -23.52 -8.58 -22.80
CA ASP A 23 -24.67 -8.92 -23.65
C ASP A 23 -25.26 -10.32 -23.38
N MET A 24 -24.53 -11.17 -22.65
CA MET A 24 -25.06 -12.49 -22.27
C MET A 24 -26.37 -12.35 -21.48
N ASP A 25 -27.28 -13.30 -21.66
CA ASP A 25 -28.52 -13.28 -20.89
C ASP A 25 -28.29 -13.81 -19.48
N VAL A 26 -29.14 -13.36 -18.57
CA VAL A 26 -29.04 -13.67 -17.16
C VAL A 26 -29.12 -15.17 -16.88
N LYS A 27 -30.00 -15.87 -17.61
CA LYS A 27 -30.21 -17.30 -17.41
C LYS A 27 -28.94 -18.11 -17.66
N THR A 28 -28.28 -17.87 -18.79
CA THR A 28 -27.03 -18.56 -19.15
C THR A 28 -25.96 -18.34 -18.09
N VAL A 29 -25.77 -17.08 -17.71
CA VAL A 29 -24.80 -16.75 -16.69
C VAL A 29 -25.12 -17.44 -15.37
N ARG A 30 -26.41 -17.48 -15.02
CA ARG A 30 -26.84 -18.19 -13.83
C ARG A 30 -26.48 -19.66 -13.88
N GLU A 31 -26.78 -20.31 -15.02
CA GLU A 31 -26.51 -21.74 -15.17
C GLU A 31 -25.01 -22.07 -15.08
N GLN A 32 -24.17 -21.24 -15.67
CA GLN A 32 -22.73 -21.47 -15.62
C GLN A 32 -22.18 -21.28 -14.22
N PHE A 33 -22.66 -20.26 -13.52
CA PHE A 33 -22.27 -20.00 -12.14
C PHE A 33 -22.67 -21.15 -11.18
N GLU A 34 -23.85 -21.76 -11.39
CA GLU A 34 -24.25 -22.98 -10.66
C GLU A 34 -23.31 -24.14 -10.97
N LYS A 35 -23.18 -24.46 -12.26
CA LYS A 35 -22.31 -25.53 -12.75
C LYS A 35 -20.89 -25.41 -12.18
N SER A 36 -20.30 -24.22 -12.30
CA SER A 36 -18.94 -23.98 -11.79
C SER A 36 -18.89 -24.13 -10.27
N SER A 37 -19.86 -23.54 -9.58
CA SER A 37 -19.94 -23.64 -8.12
C SER A 37 -20.02 -25.10 -7.64
N LEU A 38 -20.82 -25.91 -8.33
CA LEU A 38 -21.02 -27.30 -7.90
C LEU A 38 -19.75 -28.13 -7.95
N ILE A 39 -18.83 -27.80 -8.86
CA ILE A 39 -17.54 -28.50 -8.86
C ILE A 39 -16.89 -28.40 -7.48
N LEU A 40 -16.89 -27.20 -6.91
CA LEU A 40 -16.32 -26.96 -5.59
C LEU A 40 -17.08 -27.65 -4.46
N VAL A 41 -18.41 -27.70 -4.60
CA VAL A 41 -19.26 -28.34 -3.60
C VAL A 41 -18.99 -29.83 -3.57
N LYS A 42 -18.95 -30.44 -4.74
CA LYS A 42 -18.67 -31.86 -4.86
C LYS A 42 -17.30 -32.26 -4.33
N MET A 43 -16.27 -31.46 -4.60
CA MET A 43 -14.94 -31.80 -4.08
C MET A 43 -14.84 -31.60 -2.55
N ALA A 44 -15.61 -30.68 -1.99
CA ALA A 44 -15.71 -30.54 -0.55
C ALA A 44 -16.36 -31.79 0.13
N ASN A 45 -17.43 -32.29 -0.51
CA ASN A 45 -18.16 -33.46 -0.01
C ASN A 45 -18.41 -33.38 1.49
N GLU A 46 -18.97 -32.26 1.96
CA GLU A 46 -19.12 -32.07 3.40
C GLU A 46 -20.29 -32.91 3.93
N PRO A 47 -20.13 -33.51 5.13
CA PRO A 47 -21.27 -34.15 5.80
C PRO A 47 -22.17 -33.12 6.46
N ILE A 48 -23.39 -33.54 6.79
CA ILE A 48 -24.28 -32.76 7.65
C ILE A 48 -25.29 -33.69 8.31
N HIS A 49 -25.42 -33.54 9.62
CA HIS A 49 -26.27 -34.40 10.41
C HIS A 49 -27.74 -34.38 9.96
N ARG A 50 -28.26 -33.18 9.66
CA ARG A 50 -29.62 -32.97 9.18
C ARG A 50 -29.65 -31.74 8.29
N VAL A 51 -30.45 -31.79 7.24
CA VAL A 51 -30.65 -30.64 6.37
C VAL A 51 -32.00 -30.73 5.70
N GLU A 52 -32.75 -29.64 5.71
CA GLU A 52 -34.02 -29.57 4.99
C GLU A 52 -34.33 -28.15 4.54
N ASP A 53 -35.12 -28.06 3.49
CA ASP A 53 -35.58 -26.78 2.99
C ASP A 53 -36.93 -26.42 3.61
N ILE A 54 -37.09 -25.13 3.91
CA ILE A 54 -38.34 -24.60 4.43
C ILE A 54 -38.76 -23.40 3.61
N THR A 55 -40.00 -23.00 3.81
CA THR A 55 -40.57 -21.83 3.17
C THR A 55 -40.87 -20.80 4.26
N ILE A 56 -40.24 -19.63 4.13
CA ILE A 56 -40.43 -18.52 5.04
C ILE A 56 -41.34 -17.52 4.33
N PRO A 57 -42.42 -17.10 4.99
CA PRO A 57 -43.30 -16.10 4.42
C PRO A 57 -42.66 -14.73 4.45
N GLY A 58 -42.35 -14.17 3.27
CA GLY A 58 -41.82 -12.83 3.17
C GLY A 58 -42.83 -11.84 2.62
N ARG A 59 -42.43 -10.57 2.57
CA ARG A 59 -43.24 -9.50 1.97
C ARG A 59 -43.52 -9.71 0.51
N GLY A 60 -42.54 -10.25 -0.21
CA GLY A 60 -42.67 -10.44 -1.65
C GLY A 60 -43.15 -11.81 -2.08
N GLY A 61 -43.53 -12.64 -1.10
CA GLY A 61 -43.90 -14.02 -1.37
C GLY A 61 -43.09 -15.00 -0.53
N PRO A 62 -43.28 -16.30 -0.78
CA PRO A 62 -42.53 -17.34 -0.07
C PRO A 62 -41.03 -17.29 -0.35
N ILE A 63 -40.22 -17.36 0.71
CA ILE A 63 -38.77 -17.41 0.61
C ILE A 63 -38.27 -18.80 1.02
N ARG A 64 -37.57 -19.44 0.10
CA ARG A 64 -36.98 -20.74 0.37
C ARG A 64 -35.70 -20.57 1.22
N ALA A 65 -35.56 -21.38 2.26
CA ALA A 65 -34.34 -21.37 3.06
C ALA A 65 -33.90 -22.81 3.30
N ARG A 66 -32.59 -23.04 3.35
CA ARG A 66 -32.05 -24.34 3.67
C ARG A 66 -31.48 -24.32 5.09
N VAL A 67 -31.92 -25.26 5.92
CA VAL A 67 -31.53 -25.30 7.34
C VAL A 67 -30.54 -26.46 7.58
N TYR A 68 -29.30 -26.11 7.91
CA TYR A 68 -28.24 -27.07 8.16
C TYR A 68 -28.09 -27.22 9.67
N ARG A 69 -28.37 -28.41 10.18
CA ARG A 69 -28.28 -28.70 11.60
C ARG A 69 -27.14 -29.70 11.82
N PRO A 70 -26.07 -29.26 12.52
CA PRO A 70 -24.86 -30.07 12.67
C PRO A 70 -24.86 -31.08 13.82
N ARG A 71 -25.86 -31.02 14.68
CA ARG A 71 -25.96 -31.89 15.85
C ARG A 71 -27.36 -31.81 16.44
N ASP A 72 -27.67 -32.70 17.37
CA ASP A 72 -28.96 -32.67 18.04
C ASP A 72 -28.98 -31.66 19.17
N GLY A 73 -30.18 -31.24 19.55
CA GLY A 73 -30.38 -30.37 20.69
C GLY A 73 -31.21 -29.17 20.36
N GLU A 74 -31.89 -28.66 21.38
CA GLU A 74 -32.62 -27.42 21.28
C GLU A 74 -31.72 -26.24 21.72
N ARG A 75 -32.24 -25.02 21.57
CA ARG A 75 -31.50 -23.81 21.91
C ARG A 75 -30.09 -23.80 21.32
N LEU A 76 -29.94 -24.29 20.10
CA LEU A 76 -28.65 -24.21 19.42
C LEU A 76 -28.37 -22.80 18.91
N PRO A 77 -27.09 -22.42 18.81
CA PRO A 77 -26.77 -21.15 18.18
C PRO A 77 -27.29 -21.13 16.75
N ALA A 78 -27.55 -19.95 16.22
CA ALA A 78 -28.10 -19.79 14.87
C ALA A 78 -27.31 -18.79 14.05
N VAL A 79 -27.03 -19.15 12.80
CA VAL A 79 -26.42 -18.27 11.82
C VAL A 79 -27.40 -18.16 10.67
N VAL A 80 -27.76 -16.94 10.29
CA VAL A 80 -28.51 -16.68 9.06
C VAL A 80 -27.51 -16.26 7.99
N TYR A 81 -27.46 -17.02 6.90
CA TYR A 81 -26.39 -16.86 5.91
C TYR A 81 -26.97 -16.43 4.58
N TYR A 82 -26.30 -15.49 3.91
CA TYR A 82 -26.71 -15.00 2.60
C TYR A 82 -25.60 -15.26 1.59
N HIS A 83 -25.90 -16.06 0.57
CA HIS A 83 -24.94 -16.36 -0.48
C HIS A 83 -24.58 -15.13 -1.31
N GLY A 84 -23.38 -15.13 -1.88
CA GLY A 84 -22.97 -14.11 -2.83
C GLY A 84 -23.41 -14.44 -4.25
N GLY A 85 -23.11 -13.52 -5.16
CA GLY A 85 -23.46 -13.66 -6.58
C GLY A 85 -23.97 -12.40 -7.26
N GLY A 86 -23.44 -11.25 -6.83
CA GLY A 86 -23.78 -9.98 -7.46
C GLY A 86 -25.21 -9.50 -7.35
N PHE A 87 -26.01 -10.16 -6.48
CA PHE A 87 -27.47 -9.97 -6.38
C PHE A 87 -28.24 -10.57 -7.56
N VAL A 88 -27.52 -11.25 -8.45
CA VAL A 88 -28.10 -11.74 -9.70
C VAL A 88 -27.99 -13.26 -9.84
N LEU A 89 -26.91 -13.82 -9.27
CA LEU A 89 -26.57 -15.22 -9.43
C LEU A 89 -26.56 -15.93 -8.07
N GLY A 90 -26.47 -17.26 -8.13
CA GLY A 90 -26.30 -18.05 -6.95
C GLY A 90 -27.60 -18.52 -6.32
N SER A 91 -27.44 -19.35 -5.30
CA SER A 91 -28.54 -19.94 -4.58
C SER A 91 -27.94 -20.67 -3.40
N VAL A 92 -28.79 -21.34 -2.61
CA VAL A 92 -28.29 -22.11 -1.48
C VAL A 92 -27.38 -23.26 -1.94
N GLU A 93 -27.50 -23.64 -3.22
CA GLU A 93 -26.76 -24.77 -3.78
C GLU A 93 -25.28 -24.45 -4.01
N THR A 94 -24.99 -23.21 -4.39
CA THR A 94 -23.66 -22.76 -4.76
C THR A 94 -22.72 -22.48 -3.57
N HIS A 95 -23.30 -22.38 -2.37
CA HIS A 95 -22.58 -22.12 -1.14
C HIS A 95 -22.88 -23.22 -0.10
N ASP A 96 -23.39 -24.35 -0.60
CA ASP A 96 -23.88 -25.43 0.29
C ASP A 96 -22.75 -26.00 1.15
N HIS A 97 -21.59 -26.18 0.52
CA HIS A 97 -20.41 -26.73 1.17
C HIS A 97 -19.85 -25.82 2.27
N VAL A 98 -19.80 -24.52 1.99
CA VAL A 98 -19.41 -23.53 2.99
C VAL A 98 -20.40 -23.57 4.17
N CYS A 99 -21.69 -23.65 3.90
CA CYS A 99 -22.66 -23.67 5.01
C CYS A 99 -22.55 -24.93 5.85
N ARG A 100 -22.34 -26.07 5.22
CA ARG A 100 -22.20 -27.33 5.97
C ARG A 100 -21.00 -27.26 6.90
N ARG A 101 -19.88 -26.78 6.37
CA ARG A 101 -18.62 -26.75 7.09
C ARG A 101 -18.67 -25.74 8.21
N LEU A 102 -19.34 -24.64 7.93
CA LEU A 102 -19.60 -23.62 8.95
C LEU A 102 -20.42 -24.19 10.12
N ALA A 103 -21.54 -24.84 9.79
CA ALA A 103 -22.36 -25.56 10.78
C ALA A 103 -21.55 -26.52 11.63
N ASN A 104 -20.80 -27.41 10.98
CA ASN A 104 -20.03 -28.44 11.70
C ASN A 104 -18.94 -27.87 12.62
N LEU A 105 -18.22 -26.85 12.14
CA LEU A 105 -17.15 -26.22 12.93
C LEU A 105 -17.68 -25.29 14.05
N SER A 106 -18.77 -24.59 13.79
CA SER A 106 -19.35 -23.65 14.77
C SER A 106 -20.29 -24.32 15.76
N GLY A 107 -20.82 -25.48 15.38
CA GLY A 107 -21.88 -26.15 16.14
C GLY A 107 -23.25 -25.47 16.02
N ALA A 108 -23.34 -24.44 15.19
CA ALA A 108 -24.56 -23.64 15.07
C ALA A 108 -25.41 -24.18 13.95
N VAL A 109 -26.73 -24.00 14.06
CA VAL A 109 -27.63 -24.21 12.93
C VAL A 109 -27.46 -23.06 11.97
N VAL A 110 -27.20 -23.37 10.71
CA VAL A 110 -27.00 -22.40 9.67
C VAL A 110 -28.27 -22.36 8.81
N VAL A 111 -28.81 -21.16 8.60
CA VAL A 111 -30.00 -21.02 7.80
C VAL A 111 -29.63 -20.16 6.60
N SER A 112 -29.49 -20.80 5.44
CA SER A 112 -29.06 -20.11 4.22
C SER A 112 -30.28 -19.71 3.39
N VAL A 113 -30.38 -18.42 3.14
CA VAL A 113 -31.60 -17.79 2.65
C VAL A 113 -31.55 -17.65 1.15
N ASP A 114 -32.57 -18.17 0.47
CA ASP A 114 -32.63 -18.11 -1.00
C ASP A 114 -33.41 -16.86 -1.43
N TYR A 115 -32.78 -15.71 -1.20
CA TYR A 115 -33.37 -14.41 -1.51
C TYR A 115 -33.66 -14.18 -3.02
N ARG A 116 -34.61 -13.28 -3.27
CA ARG A 116 -35.03 -12.94 -4.64
C ARG A 116 -33.88 -12.32 -5.42
N LEU A 117 -33.69 -12.76 -6.66
CA LEU A 117 -32.61 -12.27 -7.50
C LEU A 117 -33.09 -11.16 -8.45
N ALA A 118 -32.16 -10.25 -8.75
CA ALA A 118 -32.28 -9.25 -9.79
C ALA A 118 -31.88 -9.87 -11.12
N PRO A 119 -32.36 -9.33 -12.25
CA PRO A 119 -33.17 -8.14 -12.42
C PRO A 119 -34.68 -8.33 -12.26
N GLU A 120 -35.14 -9.57 -12.05
CA GLU A 120 -36.57 -9.84 -11.88
C GLU A 120 -37.09 -9.11 -10.64
N HIS A 121 -36.33 -9.20 -9.55
CA HIS A 121 -36.65 -8.50 -8.31
C HIS A 121 -35.55 -7.48 -7.95
N LYS A 122 -35.78 -6.24 -8.35
CA LYS A 122 -34.81 -5.15 -8.15
C LYS A 122 -34.67 -4.83 -6.67
N PHE A 123 -33.61 -4.12 -6.33
CA PHE A 123 -33.45 -3.56 -5.00
C PHE A 123 -34.72 -2.79 -4.67
N PRO A 124 -35.27 -2.94 -3.46
CA PRO A 124 -34.77 -3.66 -2.29
C PRO A 124 -35.34 -5.06 -2.04
N ALA A 125 -35.73 -5.79 -3.08
CA ALA A 125 -36.36 -7.12 -2.90
C ALA A 125 -35.52 -8.04 -2.00
N ALA A 126 -34.25 -8.21 -2.35
CA ALA A 126 -33.36 -9.10 -1.60
C ALA A 126 -33.14 -8.64 -0.16
N VAL A 127 -33.04 -7.33 0.04
CA VAL A 127 -32.90 -6.72 1.37
C VAL A 127 -34.10 -7.06 2.23
N GLU A 128 -35.29 -6.91 1.67
CA GLU A 128 -36.52 -7.26 2.37
C GLU A 128 -36.52 -8.74 2.77
N ASP A 129 -36.16 -9.62 1.84
CA ASP A 129 -36.15 -11.06 2.10
C ASP A 129 -35.15 -11.40 3.16
N ALA A 130 -33.97 -10.79 3.07
CA ALA A 130 -32.89 -10.99 4.04
C ALA A 130 -33.33 -10.63 5.45
N TYR A 131 -34.01 -9.52 5.60
CA TYR A 131 -34.49 -9.10 6.91
C TYR A 131 -35.61 -10.00 7.37
N ASP A 132 -36.57 -10.27 6.46
CA ASP A 132 -37.71 -11.07 6.80
C ASP A 132 -37.32 -12.48 7.24
N ALA A 133 -36.34 -13.06 6.55
CA ALA A 133 -35.86 -14.38 6.90
C ALA A 133 -35.11 -14.41 8.25
N ALA A 134 -34.27 -13.43 8.53
CA ALA A 134 -33.54 -13.40 9.81
C ALA A 134 -34.52 -13.20 10.96
N LYS A 135 -35.48 -12.31 10.75
CA LYS A 135 -36.50 -12.04 11.76
C LYS A 135 -37.37 -13.27 12.00
N TRP A 136 -37.70 -13.98 10.92
CA TRP A 136 -38.47 -15.20 11.02
C TRP A 136 -37.75 -16.27 11.85
N VAL A 137 -36.44 -16.40 11.66
CA VAL A 137 -35.64 -17.38 12.39
C VAL A 137 -35.58 -17.03 13.87
N ALA A 138 -35.37 -15.75 14.17
CA ALA A 138 -35.39 -15.27 15.54
C ALA A 138 -36.75 -15.47 16.21
N ASP A 139 -37.84 -15.33 15.44
CA ASP A 139 -39.20 -15.45 16.00
C ASP A 139 -39.76 -16.86 16.04
N ASN A 140 -39.21 -17.76 15.24
CA ASN A 140 -39.70 -19.13 15.11
C ASN A 140 -38.68 -20.15 15.58
N TYR A 141 -37.94 -19.78 16.62
CA TYR A 141 -36.84 -20.58 17.17
C TYR A 141 -37.22 -22.00 17.62
N ASP A 142 -38.42 -22.17 18.15
CA ASP A 142 -38.87 -23.49 18.62
C ASP A 142 -39.10 -24.49 17.48
N LYS A 143 -39.51 -23.99 16.32
CA LYS A 143 -39.63 -24.81 15.13
C LYS A 143 -38.25 -25.31 14.70
N LEU A 144 -37.23 -24.50 14.91
CA LEU A 144 -35.89 -24.82 14.43
C LEU A 144 -34.97 -25.42 15.51
N GLY A 145 -35.35 -25.28 16.78
CA GLY A 145 -34.54 -25.77 17.88
C GLY A 145 -33.31 -24.89 18.09
N VAL A 146 -33.47 -23.59 17.88
CA VAL A 146 -32.37 -22.65 18.03
C VAL A 146 -32.63 -21.67 19.17
N ASP A 147 -31.58 -20.93 19.53
CA ASP A 147 -31.68 -19.81 20.49
C ASP A 147 -32.92 -18.93 20.29
N ASN A 148 -33.57 -18.59 21.39
CA ASN A 148 -34.62 -17.57 21.39
C ASN A 148 -34.09 -16.18 20.96
N GLY A 149 -34.41 -15.78 19.73
CA GLY A 149 -34.30 -14.38 19.31
C GLY A 149 -32.91 -13.77 19.35
N LYS A 150 -31.91 -14.59 19.06
CA LYS A 150 -30.57 -14.13 18.73
C LYS A 150 -29.99 -14.97 17.59
N ILE A 151 -29.37 -14.27 16.64
CA ILE A 151 -28.68 -14.88 15.53
C ILE A 151 -27.36 -14.17 15.30
N ALA A 152 -26.47 -14.82 14.57
CA ALA A 152 -25.41 -14.11 13.88
C ALA A 152 -25.92 -14.01 12.44
N VAL A 153 -25.61 -12.92 11.77
CA VAL A 153 -25.81 -12.82 10.32
C VAL A 153 -24.46 -12.97 9.64
N ALA A 154 -24.45 -13.64 8.50
CA ALA A 154 -23.24 -13.93 7.75
C ALA A 154 -23.54 -13.90 6.27
N GLY A 155 -22.56 -13.45 5.49
CA GLY A 155 -22.67 -13.58 4.04
C GLY A 155 -21.42 -13.17 3.30
N ASP A 156 -21.33 -13.60 2.04
CA ASP A 156 -20.15 -13.34 1.24
C ASP A 156 -20.54 -12.46 0.04
N SER A 157 -19.70 -11.45 -0.19
CA SER A 157 -19.82 -10.57 -1.34
C SER A 157 -21.18 -9.83 -1.29
N ALA A 158 -22.05 -10.03 -2.27
CA ALA A 158 -23.40 -9.46 -2.22
C ALA A 158 -24.15 -9.92 -0.97
N GLY A 159 -23.89 -11.14 -0.55
CA GLY A 159 -24.44 -11.65 0.71
C GLY A 159 -23.89 -10.96 1.95
N GLY A 160 -22.64 -10.51 1.87
CA GLY A 160 -22.05 -9.70 2.94
C GLY A 160 -22.73 -8.34 3.06
N ASN A 161 -23.09 -7.76 1.92
CA ASN A 161 -23.95 -6.58 1.88
C ASN A 161 -25.28 -6.81 2.59
N LEU A 162 -25.93 -7.93 2.26
CA LEU A 162 -27.21 -8.25 2.80
C LEU A 162 -27.13 -8.50 4.30
N ALA A 163 -26.05 -9.12 4.76
CA ALA A 163 -25.83 -9.31 6.19
C ALA A 163 -25.70 -7.95 6.93
N ALA A 164 -24.90 -7.03 6.36
CA ALA A 164 -24.65 -5.72 6.99
C ALA A 164 -25.94 -4.91 7.07
N VAL A 165 -26.70 -4.94 5.98
CA VAL A 165 -27.92 -4.14 5.86
C VAL A 165 -29.03 -4.72 6.73
N THR A 166 -29.09 -6.04 6.83
CA THR A 166 -30.01 -6.70 7.74
C THR A 166 -29.76 -6.20 9.18
N ALA A 167 -28.49 -6.20 9.60
CA ALA A 167 -28.13 -5.66 10.90
C ALA A 167 -28.64 -4.22 11.03
N ILE A 168 -28.43 -3.40 9.99
CA ILE A 168 -28.86 -2.01 10.00
C ILE A 168 -30.39 -1.88 10.11
N MET A 169 -31.12 -2.64 9.29
CA MET A 169 -32.58 -2.64 9.35
C MET A 169 -33.14 -3.03 10.69
N ALA A 170 -32.50 -3.98 11.34
CA ALA A 170 -32.89 -4.40 12.67
C ALA A 170 -32.70 -3.24 13.63
N ARG A 171 -31.53 -2.60 13.57
CA ARG A 171 -31.26 -1.45 14.41
C ARG A 171 -32.27 -0.35 14.18
N ASP A 172 -32.57 -0.04 12.91
CA ASP A 172 -33.53 1.03 12.60
C ASP A 172 -34.93 0.73 13.13
N ARG A 173 -35.30 -0.54 13.19
CA ARG A 173 -36.59 -0.95 13.76
C ARG A 173 -36.55 -1.15 15.27
N GLY A 174 -35.40 -0.88 15.88
CA GLY A 174 -35.24 -1.09 17.32
C GLY A 174 -35.34 -2.55 17.70
N GLU A 175 -34.96 -3.45 16.79
CA GLU A 175 -34.93 -4.89 17.08
C GLU A 175 -33.53 -5.25 17.55
N SER A 176 -33.43 -6.25 18.42
CA SER A 176 -32.14 -6.58 19.03
C SER A 176 -31.68 -8.03 18.75
N PHE A 177 -32.37 -8.73 17.84
CA PHE A 177 -32.07 -10.14 17.61
C PHE A 177 -30.76 -10.41 16.85
N VAL A 178 -30.18 -9.40 16.19
CA VAL A 178 -28.90 -9.63 15.50
C VAL A 178 -27.78 -9.35 16.49
N LYS A 179 -27.03 -10.38 16.85
CA LYS A 179 -26.02 -10.28 17.91
C LYS A 179 -24.57 -10.21 17.39
N TYR A 180 -24.35 -10.58 16.14
CA TYR A 180 -23.01 -10.71 15.59
C TYR A 180 -23.10 -10.69 14.08
N GLN A 181 -22.11 -10.09 13.43
CA GLN A 181 -22.13 -10.01 11.99
C GLN A 181 -20.77 -10.37 11.42
N VAL A 182 -20.78 -11.24 10.42
CA VAL A 182 -19.56 -11.65 9.76
C VAL A 182 -19.76 -11.29 8.29
N LEU A 183 -18.94 -10.38 7.80
CA LEU A 183 -19.06 -9.86 6.44
C LEU A 183 -17.86 -10.36 5.62
N ILE A 184 -18.13 -11.30 4.71
CA ILE A 184 -17.08 -11.97 3.97
C ILE A 184 -16.93 -11.25 2.64
N TYR A 185 -15.79 -10.55 2.49
CA TYR A 185 -15.51 -9.58 1.43
C TYR A 185 -16.79 -8.91 0.90
N PRO A 186 -17.45 -8.11 1.75
CA PRO A 186 -18.72 -7.47 1.41
C PRO A 186 -18.57 -6.32 0.44
N ALA A 187 -19.61 -6.09 -0.36
CA ALA A 187 -19.77 -4.86 -1.14
C ALA A 187 -20.60 -3.92 -0.30
N VAL A 188 -20.03 -2.80 0.13
CA VAL A 188 -20.71 -1.88 1.04
C VAL A 188 -20.97 -0.53 0.42
N ASN A 189 -20.41 -0.32 -0.77
CA ASN A 189 -20.67 0.86 -1.59
C ASN A 189 -21.05 0.41 -3.01
N LEU A 190 -22.32 0.55 -3.35
CA LEU A 190 -22.80 0.12 -4.66
C LEU A 190 -22.95 1.29 -5.64
N THR A 191 -22.46 2.47 -5.25
CA THR A 191 -22.41 3.60 -6.17
C THR A 191 -21.28 3.35 -7.16
N GLY A 192 -21.16 4.20 -8.17
CA GLY A 192 -20.02 4.08 -9.09
C GLY A 192 -18.74 4.77 -8.61
N SER A 193 -18.65 5.10 -7.32
CA SER A 193 -17.50 5.86 -6.84
C SER A 193 -16.29 4.94 -6.72
N PRO A 194 -15.16 5.30 -7.35
CA PRO A 194 -14.01 4.40 -7.36
C PRO A 194 -13.16 4.44 -6.10
N THR A 195 -12.70 3.26 -5.68
CA THR A 195 -11.59 3.13 -4.74
C THR A 195 -10.38 2.59 -5.51
N VAL A 196 -9.19 2.73 -4.92
CA VAL A 196 -7.97 2.21 -5.56
C VAL A 196 -8.13 0.70 -5.85
N SER A 197 -8.60 -0.08 -4.87
CA SER A 197 -8.73 -1.53 -5.10
C SER A 197 -9.76 -1.84 -6.19
N ARG A 198 -10.85 -1.07 -6.24
CA ARG A 198 -11.85 -1.30 -7.28
C ARG A 198 -11.30 -1.26 -8.69
N VAL A 199 -10.39 -0.34 -8.93
CA VAL A 199 -9.80 -0.16 -10.25
C VAL A 199 -8.61 -1.11 -10.43
N GLU A 200 -7.85 -1.31 -9.35
CA GLU A 200 -6.62 -2.07 -9.39
C GLU A 200 -6.83 -3.55 -9.75
N TYR A 201 -7.89 -4.15 -9.24
CA TYR A 201 -8.06 -5.61 -9.27
C TYR A 201 -9.26 -6.07 -10.07
N SER A 202 -9.80 -5.19 -10.90
CA SER A 202 -11.03 -5.48 -11.64
C SER A 202 -10.76 -5.70 -13.11
N GLY A 203 -9.48 -5.85 -13.46
CA GLY A 203 -9.10 -6.15 -14.82
C GLY A 203 -9.44 -7.59 -15.19
N PRO A 204 -9.54 -7.87 -16.50
CA PRO A 204 -9.84 -9.23 -16.94
C PRO A 204 -8.93 -10.29 -16.31
N GLU A 205 -7.65 -9.97 -16.10
CA GLU A 205 -6.69 -10.94 -15.53
C GLU A 205 -7.10 -11.59 -14.20
N TYR A 206 -7.99 -10.95 -13.42
CA TYR A 206 -8.43 -11.50 -12.13
C TYR A 206 -9.73 -12.30 -12.20
N VAL A 207 -10.41 -12.23 -13.35
CA VAL A 207 -11.54 -13.11 -13.72
C VAL A 207 -12.87 -12.96 -12.94
N ILE A 208 -12.82 -13.20 -11.63
CA ILE A 208 -14.02 -13.44 -10.83
C ILE A 208 -14.88 -12.19 -10.56
N LEU A 209 -14.25 -11.03 -10.48
CA LEU A 209 -14.98 -9.81 -10.26
C LEU A 209 -14.40 -8.67 -11.09
N THR A 210 -14.65 -8.70 -12.39
CA THR A 210 -14.15 -7.70 -13.31
C THR A 210 -15.04 -6.46 -13.31
N ALA A 211 -14.49 -5.35 -13.82
CA ALA A 211 -15.23 -4.08 -13.93
C ALA A 211 -16.52 -4.25 -14.70
N ASP A 212 -16.45 -4.99 -15.80
CA ASP A 212 -17.60 -5.22 -16.66
C ASP A 212 -18.70 -5.95 -15.93
N LEU A 213 -18.31 -6.92 -15.11
CA LEU A 213 -19.26 -7.72 -14.35
C LEU A 213 -19.94 -6.90 -13.24
N MET A 214 -19.15 -6.08 -12.56
CA MET A 214 -19.65 -5.22 -11.50
C MET A 214 -20.65 -4.20 -12.04
N ALA A 215 -20.29 -3.55 -13.15
CA ALA A 215 -21.19 -2.63 -13.84
C ALA A 215 -22.49 -3.37 -14.20
N TRP A 216 -22.37 -4.56 -14.77
CA TRP A 216 -23.52 -5.38 -15.14
C TRP A 216 -24.41 -5.71 -13.92
N PHE A 217 -23.80 -6.11 -12.81
CA PHE A 217 -24.57 -6.39 -11.59
C PHE A 217 -25.39 -5.19 -11.14
N GLY A 218 -24.77 -4.02 -11.17
CA GLY A 218 -25.45 -2.79 -10.79
C GLY A 218 -26.63 -2.44 -11.68
N ARG A 219 -26.54 -2.77 -12.97
CA ARG A 219 -27.64 -2.49 -13.89
C ARG A 219 -28.82 -3.44 -13.65
N GLN A 220 -28.50 -4.68 -13.25
CA GLN A 220 -29.51 -5.64 -12.87
C GLN A 220 -30.14 -5.28 -11.51
N TYR A 221 -29.32 -4.87 -10.56
CA TYR A 221 -29.81 -4.70 -9.20
C TYR A 221 -30.73 -3.49 -9.06
N PHE A 222 -30.38 -2.36 -9.68
CA PHE A 222 -31.05 -1.09 -9.43
C PHE A 222 -32.12 -0.74 -10.45
N SER A 223 -33.24 -0.20 -9.94
CA SER A 223 -34.32 0.28 -10.80
C SER A 223 -34.04 1.72 -11.23
N LYS A 224 -33.28 2.43 -10.40
CA LYS A 224 -32.83 3.80 -10.73
C LYS A 224 -31.54 4.13 -9.99
N PRO A 225 -30.66 4.92 -10.63
CA PRO A 225 -29.32 5.22 -10.11
C PRO A 225 -29.33 5.64 -8.65
N GLN A 226 -30.30 6.48 -8.31
CA GLN A 226 -30.42 7.11 -7.00
C GLN A 226 -30.58 6.12 -5.85
N ASP A 227 -31.02 4.89 -6.15
CA ASP A 227 -31.23 3.88 -5.11
C ASP A 227 -29.91 3.43 -4.49
N ALA A 228 -28.82 3.58 -5.25
CA ALA A 228 -27.46 3.25 -4.79
C ALA A 228 -27.04 4.08 -3.60
N LEU A 229 -27.72 5.20 -3.42
CA LEU A 229 -27.46 6.10 -2.30
C LEU A 229 -28.21 5.73 -1.03
N SER A 230 -29.16 4.79 -1.12
CA SER A 230 -29.88 4.32 0.05
C SER A 230 -28.89 3.66 1.00
N PRO A 231 -29.02 3.90 2.30
CA PRO A 231 -28.14 3.15 3.21
C PRO A 231 -28.42 1.64 3.21
N TYR A 232 -29.60 1.22 2.73
CA TYR A 232 -29.90 -0.20 2.58
C TYR A 232 -29.32 -0.78 1.29
N ALA A 233 -28.81 0.09 0.42
CA ALA A 233 -28.01 -0.35 -0.73
C ALA A 233 -26.52 -0.23 -0.40
N SER A 234 -26.12 0.95 0.04
CA SER A 234 -24.72 1.23 0.35
C SER A 234 -24.58 1.45 1.85
N PRO A 235 -24.33 0.37 2.62
CA PRO A 235 -24.39 0.52 4.08
C PRO A 235 -23.25 1.35 4.66
N ILE A 236 -22.23 1.63 3.85
CA ILE A 236 -21.15 2.52 4.24
C ILE A 236 -21.64 3.98 4.46
N PHE A 237 -22.79 4.32 3.89
CA PHE A 237 -23.43 5.63 4.13
C PHE A 237 -24.40 5.65 5.31
N ALA A 238 -24.60 4.50 5.94
CA ALA A 238 -25.54 4.39 7.04
C ALA A 238 -24.98 5.03 8.31
N ASP A 239 -25.89 5.37 9.22
CA ASP A 239 -25.54 5.64 10.61
C ASP A 239 -25.17 4.27 11.17
N LEU A 240 -23.94 4.14 11.65
CA LEU A 240 -23.44 2.82 12.06
C LEU A 240 -23.42 2.61 13.58
N SER A 241 -24.08 3.49 14.33
CA SER A 241 -24.11 3.34 15.79
C SER A 241 -25.01 2.20 16.21
N ASN A 242 -24.64 1.57 17.33
CA ASN A 242 -25.44 0.51 17.95
C ASN A 242 -25.66 -0.70 17.06
N LEU A 243 -24.69 -0.97 16.19
CA LEU A 243 -24.75 -2.16 15.37
C LEU A 243 -24.00 -3.24 16.14
N PRO A 244 -24.28 -4.51 15.84
CA PRO A 244 -23.62 -5.60 16.57
C PRO A 244 -22.17 -5.77 16.18
N PRO A 245 -21.38 -6.39 17.07
CA PRO A 245 -19.97 -6.61 16.81
C PRO A 245 -19.74 -7.30 15.45
N ALA A 246 -18.66 -6.94 14.78
CA ALA A 246 -18.42 -7.38 13.41
C ALA A 246 -17.05 -7.99 13.17
N LEU A 247 -17.02 -9.09 12.42
CA LEU A 247 -15.79 -9.58 11.78
C LEU A 247 -15.93 -9.32 10.29
N VAL A 248 -14.97 -8.60 9.71
CA VAL A 248 -14.94 -8.35 8.26
C VAL A 248 -13.72 -9.01 7.64
N ILE A 249 -13.95 -9.89 6.68
CA ILE A 249 -12.87 -10.59 6.02
C ILE A 249 -12.67 -9.94 4.65
N THR A 250 -11.43 -9.56 4.34
CA THR A 250 -11.14 -9.06 3.04
C THR A 250 -10.07 -9.91 2.35
N ALA A 251 -10.00 -9.81 1.02
CA ALA A 251 -8.98 -10.48 0.24
C ALA A 251 -8.05 -9.43 -0.38
N GLU A 252 -6.77 -9.76 -0.47
CA GLU A 252 -5.77 -8.80 -0.92
C GLU A 252 -6.00 -8.28 -2.35
N TYR A 253 -6.26 -9.18 -3.29
N TYR A 253 -6.27 -9.21 -3.27
CA TYR A 253 -6.40 -8.82 -4.68
CA TYR A 253 -6.43 -8.92 -4.69
C TYR A 253 -7.87 -8.87 -5.05
C TYR A 253 -7.90 -8.90 -5.03
N ASP A 254 -8.63 -7.94 -4.48
CA ASP A 254 -10.09 -7.93 -4.54
C ASP A 254 -10.52 -6.48 -4.72
N PRO A 255 -11.34 -6.20 -5.74
CA PRO A 255 -11.89 -4.86 -5.94
C PRO A 255 -12.58 -4.27 -4.71
N LEU A 256 -13.20 -5.12 -3.89
CA LEU A 256 -13.96 -4.66 -2.73
C LEU A 256 -13.13 -4.53 -1.45
N ARG A 257 -11.82 -4.74 -1.55
CA ARG A 257 -10.96 -4.71 -0.39
C ARG A 257 -11.00 -3.37 0.35
N ASP A 258 -10.82 -2.28 -0.39
CA ASP A 258 -10.70 -0.98 0.23
C ASP A 258 -11.96 -0.65 1.03
N GLU A 259 -13.12 -0.81 0.40
CA GLU A 259 -14.39 -0.48 1.05
C GLU A 259 -14.70 -1.41 2.23
N GLY A 260 -14.34 -2.68 2.11
CA GLY A 260 -14.46 -3.60 3.23
C GLY A 260 -13.68 -3.15 4.46
N GLU A 261 -12.46 -2.69 4.24
CA GLU A 261 -11.60 -2.31 5.35
C GLU A 261 -12.05 -0.98 5.97
N LEU A 262 -12.56 -0.07 5.12
CA LEU A 262 -13.15 1.18 5.57
C LEU A 262 -14.45 0.96 6.38
N TYR A 263 -15.22 -0.05 6.01
CA TYR A 263 -16.46 -0.32 6.77
C TYR A 263 -16.15 -0.69 8.23
N ALA A 264 -15.21 -1.59 8.41
CA ALA A 264 -14.75 -1.98 9.74
C ALA A 264 -14.28 -0.79 10.56
N HIS A 265 -13.40 0.03 9.98
CA HIS A 265 -12.96 1.26 10.65
C HIS A 265 -14.14 2.18 10.97
N LEU A 266 -15.00 2.41 10.00
CA LEU A 266 -16.18 3.26 10.23
C LEU A 266 -17.06 2.72 11.38
N LEU A 267 -17.23 1.41 11.47
CA LEU A 267 -17.93 0.81 12.61
C LEU A 267 -17.32 1.20 13.94
N LYS A 268 -15.99 1.08 14.04
CA LYS A 268 -15.27 1.47 15.26
C LYS A 268 -15.41 2.95 15.60
N THR A 269 -15.47 3.81 14.59
CA THR A 269 -15.61 5.25 14.86
C THR A 269 -16.93 5.52 15.58
N ARG A 270 -17.92 4.62 15.41
CA ARG A 270 -19.19 4.73 16.15
C ARG A 270 -19.23 3.89 17.43
N GLY A 271 -18.08 3.33 17.83
CA GLY A 271 -17.99 2.62 19.09
C GLY A 271 -18.44 1.18 19.00
N VAL A 272 -18.60 0.67 17.79
CA VAL A 272 -18.93 -0.74 17.58
C VAL A 272 -17.63 -1.53 17.56
N ARG A 273 -17.62 -2.67 18.24
CA ARG A 273 -16.47 -3.54 18.23
C ARG A 273 -16.42 -4.21 16.86
N ALA A 274 -15.27 -4.16 16.21
CA ALA A 274 -15.13 -4.61 14.85
C ALA A 274 -13.68 -4.90 14.51
N VAL A 275 -13.45 -6.01 13.82
CA VAL A 275 -12.12 -6.42 13.38
C VAL A 275 -12.16 -6.67 11.87
N ALA A 276 -11.18 -6.12 11.16
CA ALA A 276 -11.00 -6.41 9.74
C ALA A 276 -9.69 -7.18 9.60
N VAL A 277 -9.74 -8.31 8.91
CA VAL A 277 -8.57 -9.12 8.62
CA VAL A 277 -8.56 -9.09 8.61
C VAL A 277 -8.43 -9.27 7.09
N ARG A 278 -7.23 -9.08 6.57
CA ARG A 278 -6.99 -9.24 5.15
C ARG A 278 -6.27 -10.55 4.88
N TYR A 279 -6.88 -11.42 4.09
CA TYR A 279 -6.20 -12.63 3.66
C TYR A 279 -5.31 -12.28 2.46
N ASN A 280 -4.00 -12.46 2.64
CA ASN A 280 -3.03 -12.21 1.55
C ASN A 280 -3.03 -13.31 0.49
N GLY A 281 -2.60 -12.92 -0.71
CA GLY A 281 -2.41 -13.84 -1.83
C GLY A 281 -3.64 -14.26 -2.60
N VAL A 282 -4.82 -13.77 -2.23
CA VAL A 282 -6.04 -14.33 -2.80
C VAL A 282 -6.99 -13.29 -3.33
N ILE A 283 -7.95 -13.77 -4.11
CA ILE A 283 -8.93 -12.95 -4.82
C ILE A 283 -10.28 -12.98 -4.11
N HIS A 284 -11.18 -12.11 -4.58
CA HIS A 284 -12.58 -12.12 -4.17
C HIS A 284 -13.17 -13.50 -4.38
N GLY A 285 -13.95 -13.95 -3.42
CA GLY A 285 -14.66 -15.21 -3.56
C GLY A 285 -13.86 -16.44 -3.13
N PHE A 286 -12.70 -16.22 -2.51
CA PHE A 286 -11.76 -17.33 -2.25
C PHE A 286 -12.24 -18.36 -1.26
N VAL A 287 -13.16 -17.96 -0.39
CA VAL A 287 -13.71 -18.86 0.60
C VAL A 287 -14.34 -20.08 -0.07
N ASN A 288 -15.02 -19.90 -1.20
CA ASN A 288 -15.69 -21.02 -1.88
C ASN A 288 -14.71 -22.04 -2.46
N PHE A 289 -13.47 -21.61 -2.67
CA PHE A 289 -12.42 -22.45 -3.18
C PHE A 289 -11.63 -23.20 -2.12
N TYR A 290 -12.15 -23.25 -0.90
CA TYR A 290 -11.39 -23.87 0.20
C TYR A 290 -10.90 -25.29 -0.06
N PRO A 291 -11.64 -26.08 -0.85
CA PRO A 291 -11.11 -27.44 -1.01
C PRO A 291 -9.75 -27.47 -1.68
N ILE A 292 -9.39 -26.41 -2.41
CA ILE A 292 -8.12 -26.33 -3.14
C ILE A 292 -7.24 -25.14 -2.75
N LEU A 293 -7.76 -24.21 -1.92
CA LEU A 293 -6.97 -23.08 -1.40
C LEU A 293 -6.92 -23.14 0.11
N GLU A 294 -5.71 -23.16 0.67
CA GLU A 294 -5.53 -23.20 2.12
C GLU A 294 -6.15 -21.97 2.81
N GLU A 295 -6.18 -20.84 2.11
CA GLU A 295 -6.80 -19.63 2.64
C GLU A 295 -8.29 -19.80 2.89
N GLY A 296 -8.98 -20.46 1.96
CA GLY A 296 -10.40 -20.78 2.15
C GLY A 296 -10.67 -21.58 3.42
N ARG A 297 -9.88 -22.64 3.63
CA ARG A 297 -9.99 -23.47 4.85
C ARG A 297 -9.73 -22.66 6.09
N GLU A 298 -8.69 -21.84 6.06
CA GLU A 298 -8.38 -20.99 7.19
C GLU A 298 -9.52 -20.02 7.50
N ALA A 299 -10.08 -19.37 6.48
CA ALA A 299 -11.23 -18.44 6.67
C ALA A 299 -12.47 -19.11 7.26
N VAL A 300 -12.84 -20.29 6.77
CA VAL A 300 -13.99 -20.99 7.36
C VAL A 300 -13.72 -21.37 8.81
N SER A 301 -12.51 -21.81 9.10
CA SER A 301 -12.09 -22.08 10.47
C SER A 301 -12.28 -20.81 11.32
N GLN A 302 -11.78 -19.68 10.81
CA GLN A 302 -11.81 -18.43 11.55
C GLN A 302 -13.23 -17.93 11.78
N ILE A 303 -14.02 -17.91 10.70
CA ILE A 303 -15.40 -17.44 10.74
C ILE A 303 -16.22 -18.28 11.76
N ALA A 304 -16.07 -19.60 11.68
CA ALA A 304 -16.80 -20.53 12.56
C ALA A 304 -16.51 -20.27 14.01
N ALA A 305 -15.21 -20.18 14.34
CA ALA A 305 -14.79 -20.02 15.71
C ALA A 305 -15.17 -18.65 16.23
N SER A 306 -15.14 -17.66 15.35
CA SER A 306 -15.50 -16.30 15.72
C SER A 306 -16.97 -16.24 16.09
N ILE A 307 -17.84 -16.87 15.28
CA ILE A 307 -19.25 -16.98 15.61
C ILE A 307 -19.47 -17.79 16.89
N LYS A 308 -18.81 -18.94 16.99
CA LYS A 308 -19.03 -19.81 18.12
C LYS A 308 -18.81 -19.08 19.44
N SER A 309 -17.73 -18.30 19.52
CA SER A 309 -17.34 -17.67 20.79
C SER A 309 -17.67 -16.18 20.81
N MET A 310 -18.24 -15.65 19.71
CA MET A 310 -18.49 -14.21 19.55
C MET A 310 -17.23 -13.44 19.95
N ALA A 311 -16.13 -13.83 19.32
CA ALA A 311 -14.80 -13.41 19.75
C ALA A 311 -14.64 -11.88 19.72
N VAL A 312 -15.21 -11.23 18.71
CA VAL A 312 -15.08 -9.76 18.58
C VAL A 312 -15.88 -8.99 19.65
N ALA A 313 -16.92 -9.59 20.23
CA ALA A 313 -17.84 -8.89 21.16
C ALA A 313 -17.17 -8.41 22.44
N PRO B 2 -6.84 2.94 9.42
CA PRO B 2 -6.30 3.76 10.51
C PRO B 2 -6.10 2.94 11.78
N LEU B 3 -5.27 3.42 12.70
CA LEU B 3 -5.17 2.78 14.01
C LEU B 3 -6.55 2.75 14.65
N SER B 4 -6.89 1.62 15.27
CA SER B 4 -8.11 1.51 16.05
C SER B 4 -8.17 2.64 17.08
N PRO B 5 -9.35 3.29 17.21
CA PRO B 5 -9.46 4.43 18.13
C PRO B 5 -9.01 4.15 19.56
N ILE B 6 -9.36 3.00 20.11
CA ILE B 6 -8.94 2.64 21.46
C ILE B 6 -7.41 2.56 21.53
N LEU B 7 -6.79 2.08 20.47
CA LEU B 7 -5.34 1.94 20.41
C LEU B 7 -4.60 3.30 20.37
N ARG B 8 -5.19 4.28 19.68
CA ARG B 8 -4.67 5.65 19.71
C ARG B 8 -4.61 6.17 21.14
N GLN B 9 -5.68 5.98 21.91
CA GLN B 9 -5.71 6.42 23.32
C GLN B 9 -4.61 5.71 24.11
N ILE B 10 -4.51 4.40 23.92
CA ILE B 10 -3.51 3.58 24.60
C ILE B 10 -2.08 4.04 24.28
N LEU B 11 -1.79 4.27 23.00
CA LEU B 11 -0.44 4.65 22.59
C LEU B 11 0.03 6.01 23.08
N GLN B 12 -0.89 6.85 23.56
CA GLN B 12 -0.52 8.14 24.15
C GLN B 12 0.28 7.93 25.46
N GLN B 13 1.60 7.85 25.27
CA GLN B 13 2.64 7.59 26.30
C GLN B 13 3.10 6.13 26.31
N GLN B 19 9.18 5.67 26.88
CA GLN B 19 10.42 6.35 27.22
C GLN B 19 11.58 5.37 27.39
N PHE B 20 11.74 4.46 26.41
CA PHE B 20 12.88 3.54 26.39
C PHE B 20 14.15 4.27 25.95
N ARG B 21 15.27 3.93 26.60
CA ARG B 21 16.60 4.44 26.26
C ARG B 21 17.54 3.28 25.91
N PRO B 22 18.38 3.43 24.86
CA PRO B 22 19.40 2.40 24.54
C PRO B 22 20.53 2.22 25.57
N ASP B 23 20.59 3.06 26.60
CA ASP B 23 21.58 2.89 27.69
C ASP B 23 20.94 2.34 28.97
N MET B 24 19.73 1.80 28.87
CA MET B 24 19.08 1.13 30.00
C MET B 24 19.72 -0.22 30.24
N ASP B 25 19.84 -0.60 31.51
CA ASP B 25 20.40 -1.89 31.86
C ASP B 25 19.31 -2.97 31.76
N VAL B 26 19.68 -4.12 31.23
CA VAL B 26 18.74 -5.17 30.89
C VAL B 26 17.74 -5.53 32.01
N LYS B 27 18.23 -5.57 33.25
CA LYS B 27 17.40 -5.97 34.40
C LYS B 27 16.20 -5.05 34.61
N THR B 28 16.44 -3.75 34.45
CA THR B 28 15.39 -2.73 34.52
C THR B 28 14.32 -2.90 33.41
N VAL B 29 14.76 -2.96 32.15
CA VAL B 29 13.87 -3.24 31.02
C VAL B 29 13.07 -4.54 31.26
N ARG B 30 13.76 -5.59 31.74
CA ARG B 30 13.09 -6.84 32.08
C ARG B 30 12.00 -6.64 33.15
N GLU B 31 12.35 -5.95 34.24
CA GLU B 31 11.38 -5.65 35.31
C GLU B 31 10.17 -4.88 34.78
N GLN B 32 10.40 -3.85 33.99
CA GLN B 32 9.27 -3.07 33.49
C GLN B 32 8.40 -3.86 32.49
N PHE B 33 9.04 -4.71 31.69
CA PHE B 33 8.31 -5.54 30.76
C PHE B 33 7.40 -6.55 31.46
N GLU B 34 7.91 -7.20 32.51
CA GLU B 34 7.11 -8.15 33.28
C GLU B 34 5.89 -7.47 33.93
N LYS B 35 6.14 -6.33 34.58
CA LYS B 35 5.09 -5.57 35.29
C LYS B 35 3.96 -5.11 34.35
N SER B 36 4.32 -4.53 33.21
CA SER B 36 3.32 -4.14 32.22
C SER B 36 2.54 -5.36 31.74
N SER B 37 3.26 -6.43 31.45
CA SER B 37 2.67 -7.64 30.90
C SER B 37 1.69 -8.21 31.90
N LEU B 38 2.08 -8.24 33.16
CA LEU B 38 1.25 -8.82 34.20
C LEU B 38 -0.05 -8.07 34.38
N ILE B 39 -0.09 -6.77 34.11
CA ILE B 39 -1.36 -6.05 34.16
C ILE B 39 -2.36 -6.70 33.19
N LEU B 40 -1.89 -7.11 32.02
CA LEU B 40 -2.76 -7.70 31.01
C LEU B 40 -3.21 -9.11 31.42
N VAL B 41 -2.27 -9.88 31.97
CA VAL B 41 -2.56 -11.21 32.49
C VAL B 41 -3.69 -11.16 33.55
N LYS B 42 -3.60 -10.22 34.49
CA LYS B 42 -4.62 -10.06 35.55
C LYS B 42 -5.97 -9.67 35.00
N MET B 43 -6.00 -8.78 34.01
CA MET B 43 -7.29 -8.33 33.50
C MET B 43 -7.99 -9.42 32.66
N ALA B 44 -7.21 -10.29 32.03
CA ALA B 44 -7.74 -11.47 31.32
C ALA B 44 -8.38 -12.49 32.27
N ASN B 45 -7.73 -12.73 33.42
CA ASN B 45 -8.26 -13.65 34.43
C ASN B 45 -8.67 -15.01 33.84
N GLU B 46 -7.80 -15.60 33.03
CA GLU B 46 -8.18 -16.85 32.36
C GLU B 46 -8.15 -18.06 33.30
N PRO B 47 -9.12 -18.96 33.13
CA PRO B 47 -9.07 -20.22 33.88
C PRO B 47 -8.23 -21.30 33.17
N ILE B 48 -7.83 -22.33 33.90
CA ILE B 48 -7.22 -23.50 33.30
C ILE B 48 -7.53 -24.72 34.21
N HIS B 49 -7.84 -25.85 33.58
CA HIS B 49 -8.17 -27.08 34.33
C HIS B 49 -6.95 -27.55 35.18
N ARG B 50 -5.81 -27.76 34.53
CA ARG B 50 -4.55 -28.08 35.20
C ARG B 50 -3.39 -27.32 34.58
N VAL B 51 -2.45 -26.93 35.42
CA VAL B 51 -1.25 -26.23 34.99
C VAL B 51 -0.10 -26.64 35.92
N GLU B 52 1.05 -26.99 35.34
CA GLU B 52 2.23 -27.42 36.09
C GLU B 52 3.48 -26.89 35.44
N ASP B 53 4.48 -26.54 36.25
CA ASP B 53 5.80 -26.20 35.75
C ASP B 53 6.74 -27.40 35.86
N ILE B 54 7.43 -27.68 34.76
CA ILE B 54 8.35 -28.80 34.64
C ILE B 54 9.74 -28.29 34.27
N THR B 55 10.73 -29.16 34.42
CA THR B 55 12.09 -28.87 34.00
C THR B 55 12.45 -29.83 32.88
N ILE B 56 12.71 -29.28 31.71
CA ILE B 56 13.15 -30.05 30.54
C ILE B 56 14.67 -29.97 30.52
N PRO B 57 15.36 -31.12 30.49
CA PRO B 57 16.82 -31.07 30.40
C PRO B 57 17.29 -30.76 28.97
N GLY B 58 17.76 -29.53 28.74
CA GLY B 58 18.28 -29.13 27.41
C GLY B 58 19.77 -29.38 27.33
N ARG B 59 20.33 -29.40 26.13
CA ARG B 59 21.79 -29.52 25.97
C ARG B 59 22.53 -28.43 26.75
N GLY B 60 22.01 -27.21 26.74
CA GLY B 60 22.66 -26.08 27.43
C GLY B 60 22.38 -26.01 28.93
N GLY B 61 21.57 -26.93 29.44
CA GLY B 61 21.14 -26.93 30.83
C GLY B 61 19.63 -27.05 30.99
N PRO B 62 19.14 -26.81 32.22
CA PRO B 62 17.73 -26.94 32.59
C PRO B 62 16.85 -25.87 31.99
N ILE B 63 15.77 -26.30 31.34
CA ILE B 63 14.83 -25.40 30.72
C ILE B 63 13.47 -25.51 31.44
N ARG B 64 13.01 -24.41 32.01
CA ARG B 64 11.69 -24.40 32.64
C ARG B 64 10.63 -24.31 31.55
N ALA B 65 9.55 -25.08 31.68
CA ALA B 65 8.39 -24.95 30.81
C ALA B 65 7.09 -25.00 31.63
N ARG B 66 6.05 -24.37 31.12
CA ARG B 66 4.76 -24.39 31.79
C ARG B 66 3.77 -25.14 30.93
N VAL B 67 3.19 -26.19 31.51
CA VAL B 67 2.25 -27.08 30.83
C VAL B 67 0.82 -26.74 31.26
N TYR B 68 0.04 -26.25 30.30
CA TYR B 68 -1.35 -25.92 30.45
C TYR B 68 -2.23 -27.00 29.81
N ARG B 69 -3.01 -27.68 30.66
CA ARG B 69 -3.91 -28.76 30.26
C ARG B 69 -5.35 -28.28 30.42
N PRO B 70 -6.07 -28.15 29.32
CA PRO B 70 -7.39 -27.52 29.36
C PRO B 70 -8.54 -28.49 29.70
N ARG B 71 -8.30 -29.78 29.56
CA ARG B 71 -9.31 -30.81 29.79
C ARG B 71 -8.63 -32.11 30.13
N ASP B 72 -9.40 -33.12 30.45
CA ASP B 72 -8.86 -34.46 30.71
C ASP B 72 -8.82 -35.23 29.40
N GLY B 73 -8.03 -36.29 29.40
CA GLY B 73 -7.92 -37.19 28.27
C GLY B 73 -6.45 -37.37 27.91
N GLU B 74 -6.12 -38.56 27.44
N GLU B 74 -6.08 -38.57 27.48
CA GLU B 74 -4.82 -38.85 26.89
CA GLU B 74 -4.75 -38.79 26.95
C GLU B 74 -4.86 -38.50 25.41
C GLU B 74 -4.87 -38.57 25.45
N ARG B 75 -3.72 -38.63 24.74
N ARG B 75 -3.76 -38.59 24.75
CA ARG B 75 -3.62 -38.30 23.33
CA ARG B 75 -3.76 -38.33 23.32
C ARG B 75 -4.33 -36.97 22.96
C ARG B 75 -4.36 -36.96 22.96
N LEU B 76 -4.15 -35.94 23.79
CA LEU B 76 -4.59 -34.57 23.42
C LEU B 76 -3.59 -33.95 22.44
N PRO B 77 -4.05 -33.09 21.53
CA PRO B 77 -3.07 -32.34 20.73
C PRO B 77 -2.22 -31.43 21.62
N ALA B 78 -1.11 -30.93 21.07
CA ALA B 78 -0.20 -30.09 21.85
C ALA B 78 0.29 -28.89 21.04
N VAL B 79 0.61 -27.82 21.75
CA VAL B 79 1.25 -26.66 21.16
C VAL B 79 2.49 -26.31 22.00
N VAL B 80 3.66 -26.33 21.37
CA VAL B 80 4.84 -25.80 22.04
C VAL B 80 4.84 -24.32 21.74
N TYR B 81 4.80 -23.51 22.80
CA TYR B 81 4.66 -22.07 22.66
C TYR B 81 5.93 -21.36 23.15
N TYR B 82 6.39 -20.38 22.36
CA TYR B 82 7.55 -19.57 22.66
C TYR B 82 7.15 -18.08 22.79
N HIS B 83 7.28 -17.52 24.00
CA HIS B 83 6.90 -16.14 24.24
C HIS B 83 7.83 -15.18 23.51
N GLY B 84 7.34 -13.98 23.23
CA GLY B 84 8.12 -12.91 22.63
C GLY B 84 8.77 -12.05 23.70
N GLY B 85 9.38 -10.95 23.27
CA GLY B 85 10.20 -10.12 24.14
C GLY B 85 11.61 -9.81 23.64
N GLY B 86 11.83 -9.90 22.33
CA GLY B 86 13.10 -9.51 21.72
C GLY B 86 14.31 -10.40 21.92
N PHE B 87 14.09 -11.65 22.37
CA PHE B 87 15.14 -12.57 22.81
C PHE B 87 15.83 -12.14 24.11
N VAL B 88 15.30 -11.07 24.72
CA VAL B 88 15.93 -10.46 25.87
C VAL B 88 14.97 -10.39 27.06
N LEU B 89 13.67 -10.24 26.81
CA LEU B 89 12.70 -10.03 27.86
C LEU B 89 11.68 -11.15 27.93
N GLY B 90 10.88 -11.11 28.98
CA GLY B 90 9.71 -11.97 29.08
C GLY B 90 9.97 -13.35 29.65
N SER B 91 8.88 -14.08 29.86
CA SER B 91 8.92 -15.38 30.46
C SER B 91 7.57 -16.04 30.24
N VAL B 92 7.42 -17.26 30.78
CA VAL B 92 6.12 -17.92 30.79
C VAL B 92 5.04 -17.08 31.47
N GLU B 93 5.45 -16.26 32.44
CA GLU B 93 4.51 -15.40 33.18
C GLU B 93 3.90 -14.32 32.31
N THR B 94 4.71 -13.72 31.44
CA THR B 94 4.27 -12.56 30.66
C THR B 94 3.18 -12.90 29.61
N HIS B 95 3.09 -14.18 29.24
CA HIS B 95 2.19 -14.64 28.19
C HIS B 95 1.23 -15.73 28.71
N ASP B 96 1.06 -15.80 30.04
CA ASP B 96 0.27 -16.84 30.68
C ASP B 96 -1.21 -16.78 30.26
N HIS B 97 -1.75 -15.57 30.12
CA HIS B 97 -3.14 -15.40 29.68
C HIS B 97 -3.37 -15.97 28.27
N VAL B 98 -2.51 -15.57 27.33
CA VAL B 98 -2.54 -16.08 25.96
C VAL B 98 -2.47 -17.61 25.91
N CYS B 99 -1.62 -18.22 26.71
CA CYS B 99 -1.50 -19.69 26.70
C CYS B 99 -2.71 -20.43 27.28
N ARG B 100 -3.22 -19.97 28.42
CA ARG B 100 -4.44 -20.54 28.98
C ARG B 100 -5.61 -20.45 28.00
N ARG B 101 -5.75 -19.28 27.36
CA ARG B 101 -6.87 -19.03 26.45
C ARG B 101 -6.73 -19.87 25.17
N LEU B 102 -5.52 -19.98 24.66
CA LEU B 102 -5.20 -20.88 23.56
C LEU B 102 -5.53 -22.32 23.90
N ALA B 103 -5.03 -22.78 25.05
CA ALA B 103 -5.35 -24.12 25.52
C ALA B 103 -6.88 -24.33 25.58
N ASN B 104 -7.60 -23.40 26.18
CA ASN B 104 -9.04 -23.61 26.42
C ASN B 104 -9.83 -23.68 25.11
N LEU B 105 -9.52 -22.76 24.19
CA LEU B 105 -10.23 -22.70 22.92
C LEU B 105 -9.83 -23.84 21.97
N SER B 106 -8.55 -24.23 22.00
CA SER B 106 -8.04 -25.25 21.06
C SER B 106 -8.31 -26.67 21.53
N GLY B 107 -8.44 -26.87 22.83
CA GLY B 107 -8.52 -28.21 23.41
C GLY B 107 -7.15 -28.87 23.49
N ALA B 108 -6.09 -28.11 23.20
CA ALA B 108 -4.74 -28.65 23.18
C ALA B 108 -3.99 -28.33 24.47
N VAL B 109 -3.06 -29.22 24.82
CA VAL B 109 -2.10 -28.97 25.88
C VAL B 109 -1.09 -27.95 25.35
N VAL B 110 -0.94 -26.83 26.05
CA VAL B 110 0.07 -25.84 25.69
C VAL B 110 1.30 -25.97 26.60
N VAL B 111 2.48 -26.08 25.99
CA VAL B 111 3.76 -26.13 26.71
C VAL B 111 4.54 -24.89 26.29
N SER B 112 4.60 -23.91 27.18
CA SER B 112 5.25 -22.63 26.94
C SER B 112 6.67 -22.71 27.50
N VAL B 113 7.65 -22.32 26.68
CA VAL B 113 9.06 -22.61 26.97
C VAL B 113 9.77 -21.34 27.48
N ASP B 114 10.39 -21.43 28.65
CA ASP B 114 11.27 -20.35 29.14
C ASP B 114 12.70 -20.57 28.62
N TYR B 115 12.89 -20.33 27.32
CA TYR B 115 14.22 -20.40 26.72
C TYR B 115 15.13 -19.35 27.34
N ARG B 116 16.42 -19.61 27.25
CA ARG B 116 17.43 -18.71 27.79
C ARG B 116 17.43 -17.38 27.06
N LEU B 117 17.69 -16.32 27.81
CA LEU B 117 17.64 -14.97 27.30
C LEU B 117 19.01 -14.38 27.05
N ALA B 118 19.08 -13.50 26.06
CA ALA B 118 20.22 -12.64 25.79
C ALA B 118 20.12 -11.39 26.68
N PRO B 119 21.25 -10.72 26.93
CA PRO B 119 22.62 -10.97 26.46
C PRO B 119 23.36 -12.07 27.21
N GLU B 120 22.85 -12.54 28.35
CA GLU B 120 23.57 -13.60 29.09
C GLU B 120 23.82 -14.84 28.21
N HIS B 121 22.82 -15.24 27.42
CA HIS B 121 22.96 -16.38 26.48
C HIS B 121 22.67 -15.96 25.05
N LYS B 122 23.73 -15.63 24.32
CA LYS B 122 23.60 -15.08 22.98
C LYS B 122 23.11 -16.16 22.06
N PHE B 123 22.59 -15.74 20.91
CA PHE B 123 22.28 -16.64 19.81
C PHE B 123 23.49 -17.58 19.60
N PRO B 124 23.27 -18.90 19.45
CA PRO B 124 22.03 -19.66 19.30
C PRO B 124 21.50 -20.40 20.56
N ALA B 125 21.85 -19.93 21.75
CA ALA B 125 21.35 -20.53 23.00
C ALA B 125 19.82 -20.80 22.96
N ALA B 126 19.02 -19.77 22.71
CA ALA B 126 17.55 -19.92 22.76
C ALA B 126 17.01 -20.78 21.62
N VAL B 127 17.64 -20.71 20.44
CA VAL B 127 17.31 -21.60 19.33
C VAL B 127 17.51 -23.06 19.74
N GLU B 128 18.64 -23.36 20.37
CA GLU B 128 18.92 -24.71 20.81
C GLU B 128 17.95 -25.19 21.92
N ASP B 129 17.58 -24.31 22.84
CA ASP B 129 16.55 -24.60 23.85
C ASP B 129 15.15 -24.79 23.23
N ALA B 130 14.82 -24.01 22.22
CA ALA B 130 13.53 -24.14 21.53
C ALA B 130 13.38 -25.48 20.84
N TYR B 131 14.43 -25.95 20.19
CA TYR B 131 14.41 -27.28 19.60
C TYR B 131 14.34 -28.36 20.68
N ASP B 132 15.14 -28.23 21.72
CA ASP B 132 15.21 -29.25 22.78
C ASP B 132 13.86 -29.41 23.45
N ALA B 133 13.19 -28.29 23.73
CA ALA B 133 11.90 -28.28 24.42
C ALA B 133 10.82 -28.96 23.58
N ALA B 134 10.71 -28.56 22.31
CA ALA B 134 9.74 -29.16 21.38
C ALA B 134 10.00 -30.66 21.20
N LYS B 135 11.27 -31.03 21.03
CA LYS B 135 11.66 -32.42 20.89
C LYS B 135 11.36 -33.20 22.17
N TRP B 136 11.57 -32.57 23.31
CA TRP B 136 11.29 -33.23 24.59
C TRP B 136 9.81 -33.49 24.70
N VAL B 137 8.97 -32.55 24.29
CA VAL B 137 7.50 -32.73 24.33
C VAL B 137 7.10 -33.91 23.45
N ALA B 138 7.64 -33.97 22.23
CA ALA B 138 7.41 -35.11 21.33
C ALA B 138 7.80 -36.43 21.99
N ASP B 139 9.05 -36.49 22.44
CA ASP B 139 9.62 -37.69 23.11
C ASP B 139 8.89 -38.14 24.38
N ASN B 140 8.31 -37.21 25.12
CA ASN B 140 7.67 -37.52 26.38
C ASN B 140 6.14 -37.32 26.34
N TYR B 141 5.57 -37.53 25.16
CA TYR B 141 4.13 -37.46 24.93
C TYR B 141 3.32 -38.19 25.99
N ASP B 142 3.84 -39.33 26.47
CA ASP B 142 3.12 -40.16 27.45
C ASP B 142 3.00 -39.49 28.82
N LYS B 143 4.07 -38.86 29.30
CA LYS B 143 4.02 -38.17 30.59
C LYS B 143 3.05 -36.97 30.52
N LEU B 144 2.87 -36.39 29.33
CA LEU B 144 2.04 -35.20 29.13
C LEU B 144 0.59 -35.54 28.81
N GLY B 145 0.37 -36.79 28.41
CA GLY B 145 -0.95 -37.22 27.93
C GLY B 145 -1.31 -36.53 26.63
N VAL B 146 -0.33 -36.39 25.73
CA VAL B 146 -0.54 -35.74 24.44
C VAL B 146 -0.27 -36.71 23.29
N ASP B 147 -0.88 -36.43 22.15
CA ASP B 147 -0.70 -37.22 20.93
C ASP B 147 0.56 -36.76 20.19
N ASN B 148 1.58 -37.62 20.10
CA ASN B 148 2.85 -37.21 19.49
C ASN B 148 2.75 -36.93 18.00
N GLY B 149 1.63 -37.31 17.40
CA GLY B 149 1.33 -36.98 16.00
C GLY B 149 0.52 -35.70 15.80
N LYS B 150 0.24 -34.96 16.88
CA LYS B 150 -0.54 -33.73 16.77
C LYS B 150 0.09 -32.56 17.53
N ILE B 151 1.37 -32.34 17.28
CA ILE B 151 2.12 -31.27 17.90
C ILE B 151 2.32 -30.09 16.95
N ALA B 152 1.89 -28.91 17.40
CA ALA B 152 2.14 -27.63 16.72
C ALA B 152 3.19 -26.85 17.50
N VAL B 153 3.89 -25.97 16.80
CA VAL B 153 4.69 -24.94 17.44
C VAL B 153 4.03 -23.60 17.19
N ALA B 154 4.11 -22.72 18.17
CA ALA B 154 3.60 -21.37 18.01
C ALA B 154 4.48 -20.41 18.83
N GLY B 155 4.46 -19.14 18.41
CA GLY B 155 5.14 -18.09 19.15
C GLY B 155 4.84 -16.70 18.59
N ASP B 156 5.04 -15.69 19.43
CA ASP B 156 4.81 -14.30 19.05
C ASP B 156 6.14 -13.52 18.96
N SER B 157 6.33 -12.82 17.86
CA SER B 157 7.45 -11.91 17.68
C SER B 157 8.78 -12.72 17.62
N ALA B 158 9.66 -12.50 18.60
CA ALA B 158 10.88 -13.30 18.74
C ALA B 158 10.55 -14.79 18.90
N GLY B 159 9.49 -15.11 19.62
CA GLY B 159 9.05 -16.49 19.77
C GLY B 159 8.45 -17.06 18.50
N GLY B 160 7.96 -16.18 17.64
CA GLY B 160 7.52 -16.55 16.30
C GLY B 160 8.72 -16.97 15.48
N ASN B 161 9.84 -16.30 15.70
CA ASN B 161 11.12 -16.66 15.09
C ASN B 161 11.57 -18.03 15.59
N LEU B 162 11.52 -18.22 16.92
CA LEU B 162 11.98 -19.46 17.53
C LEU B 162 11.12 -20.65 17.09
N ALA B 163 9.81 -20.42 16.93
CA ALA B 163 8.88 -21.43 16.41
C ALA B 163 9.22 -21.85 14.97
N ALA B 164 9.39 -20.86 14.11
CA ALA B 164 9.78 -21.07 12.72
C ALA B 164 11.10 -21.84 12.60
N VAL B 165 12.09 -21.41 13.38
CA VAL B 165 13.42 -22.00 13.40
C VAL B 165 13.38 -23.41 13.99
N THR B 166 12.51 -23.65 14.96
CA THR B 166 12.38 -24.98 15.51
C THR B 166 11.90 -25.97 14.44
N ALA B 167 10.91 -25.56 13.63
CA ALA B 167 10.43 -26.37 12.52
C ALA B 167 11.57 -26.67 11.54
N ILE B 168 12.40 -25.66 11.27
CA ILE B 168 13.56 -25.82 10.39
C ILE B 168 14.56 -26.81 10.99
N MET B 169 14.85 -26.68 12.27
CA MET B 169 15.80 -27.58 12.94
C MET B 169 15.33 -29.03 12.87
N ALA B 170 14.05 -29.25 13.12
CA ALA B 170 13.49 -30.58 13.04
C ALA B 170 13.63 -31.08 11.63
N ARG B 171 13.33 -30.23 10.65
CA ARG B 171 13.38 -30.62 9.24
C ARG B 171 14.80 -31.06 8.86
N ASP B 172 15.79 -30.27 9.28
CA ASP B 172 17.20 -30.55 9.00
C ASP B 172 17.70 -31.87 9.58
N ARG B 173 17.08 -32.33 10.67
CA ARG B 173 17.40 -33.63 11.28
C ARG B 173 16.55 -34.80 10.76
N GLY B 174 15.71 -34.56 9.75
CA GLY B 174 14.81 -35.58 9.20
C GLY B 174 13.67 -35.99 10.12
N GLU B 175 13.32 -35.10 11.05
CA GLU B 175 12.27 -35.37 12.05
C GLU B 175 10.97 -34.69 11.70
N SER B 176 9.87 -35.33 12.09
CA SER B 176 8.54 -35.01 11.59
C SER B 176 7.53 -34.67 12.68
N PHE B 177 8.01 -34.36 13.88
CA PHE B 177 7.12 -34.16 15.03
C PHE B 177 6.40 -32.82 15.06
N VAL B 178 6.87 -31.83 14.30
CA VAL B 178 6.15 -30.55 14.16
C VAL B 178 5.21 -30.70 12.98
N LYS B 179 3.89 -30.76 13.22
CA LYS B 179 2.90 -30.95 12.14
C LYS B 179 2.30 -29.64 11.64
N TYR B 180 2.51 -28.55 12.39
CA TYR B 180 1.83 -27.28 12.13
C TYR B 180 2.62 -26.18 12.83
N GLN B 181 2.65 -24.99 12.23
CA GLN B 181 3.35 -23.86 12.84
C GLN B 181 2.51 -22.61 12.74
N VAL B 182 2.34 -21.93 13.87
CA VAL B 182 1.62 -20.66 13.87
C VAL B 182 2.56 -19.57 14.32
N LEU B 183 2.83 -18.63 13.43
CA LEU B 183 3.82 -17.60 13.64
C LEU B 183 3.07 -16.27 13.78
N ILE B 184 3.12 -15.70 14.97
CA ILE B 184 2.36 -14.51 15.29
C ILE B 184 3.34 -13.35 15.21
N TYR B 185 3.12 -12.50 14.20
CA TYR B 185 4.04 -11.42 13.83
C TYR B 185 5.50 -11.75 14.12
N PRO B 186 6.00 -12.80 13.45
CA PRO B 186 7.38 -13.23 13.69
C PRO B 186 8.45 -12.26 13.16
N ALA B 187 9.61 -12.23 13.80
CA ALA B 187 10.81 -11.63 13.24
C ALA B 187 11.55 -12.71 12.46
N VAL B 188 11.59 -12.60 11.12
CA VAL B 188 12.20 -13.65 10.27
C VAL B 188 13.45 -13.20 9.52
N ASN B 189 13.76 -11.92 9.60
CA ASN B 189 14.98 -11.38 9.05
C ASN B 189 15.61 -10.51 10.11
N LEU B 190 16.68 -11.00 10.73
CA LEU B 190 17.29 -10.29 11.86
C LEU B 190 18.49 -9.44 11.41
N THR B 191 18.76 -9.39 10.11
CA THR B 191 19.75 -8.46 9.58
C THR B 191 19.13 -7.08 9.63
N GLY B 192 19.95 -6.08 9.38
CA GLY B 192 19.45 -4.70 9.34
C GLY B 192 18.92 -4.26 7.98
N SER B 193 18.67 -5.22 7.09
CA SER B 193 18.12 -4.94 5.76
C SER B 193 16.68 -4.47 5.91
N PRO B 194 16.37 -3.25 5.43
CA PRO B 194 15.04 -2.70 5.67
C PRO B 194 13.96 -3.23 4.71
N THR B 195 12.74 -3.23 5.21
CA THR B 195 11.55 -3.32 4.38
C THR B 195 10.87 -2.00 4.56
N VAL B 196 9.83 -1.76 3.77
CA VAL B 196 9.02 -0.57 3.91
C VAL B 196 8.34 -0.52 5.31
N SER B 197 7.76 -1.64 5.73
CA SER B 197 7.11 -1.67 7.03
C SER B 197 8.12 -1.38 8.14
N ARG B 198 9.32 -1.97 8.06
CA ARG B 198 10.33 -1.79 9.13
C ARG B 198 10.64 -0.33 9.41
N VAL B 199 10.68 0.48 8.37
CA VAL B 199 10.97 1.90 8.55
C VAL B 199 9.67 2.68 8.84
N GLU B 200 8.57 2.26 8.24
CA GLU B 200 7.31 3.00 8.34
C GLU B 200 6.72 3.04 9.77
N TYR B 201 6.79 1.92 10.48
CA TYR B 201 6.07 1.76 11.76
C TYR B 201 6.99 1.63 12.97
N SER B 202 8.22 2.12 12.85
CA SER B 202 9.22 2.01 13.90
C SER B 202 9.58 3.35 14.55
N GLY B 203 8.90 4.42 14.17
CA GLY B 203 9.08 5.72 14.81
C GLY B 203 8.55 5.68 16.23
N PRO B 204 9.02 6.60 17.10
CA PRO B 204 8.67 6.66 18.54
C PRO B 204 7.18 6.64 18.86
N GLU B 205 6.37 7.20 17.96
CA GLU B 205 4.91 7.32 18.16
C GLU B 205 4.19 5.98 18.20
N TYR B 206 4.83 4.92 17.70
CA TYR B 206 4.26 3.56 17.74
C TYR B 206 4.61 2.78 19.00
N VAL B 207 5.60 3.25 19.76
CA VAL B 207 5.91 2.78 21.12
C VAL B 207 6.44 1.36 21.26
N ILE B 208 5.67 0.37 20.79
CA ILE B 208 5.92 -1.01 21.15
C ILE B 208 7.14 -1.64 20.48
N LEU B 209 7.39 -1.38 19.20
CA LEU B 209 8.60 -1.89 18.56
C LEU B 209 9.26 -0.82 17.69
N THR B 210 10.05 0.03 18.35
CA THR B 210 10.68 1.17 17.72
C THR B 210 12.05 0.79 17.13
N ALA B 211 12.60 1.68 16.31
CA ALA B 211 13.94 1.51 15.72
C ALA B 211 15.01 1.33 16.79
N ASP B 212 14.98 2.21 17.80
CA ASP B 212 15.92 2.13 18.91
C ASP B 212 15.81 0.78 19.61
N LEU B 213 14.58 0.37 19.89
CA LEU B 213 14.33 -0.87 20.60
C LEU B 213 14.81 -2.08 19.78
N MET B 214 14.56 -2.07 18.49
CA MET B 214 15.02 -3.16 17.61
C MET B 214 16.54 -3.26 17.55
N ALA B 215 17.22 -2.13 17.37
CA ALA B 215 18.69 -2.13 17.33
C ALA B 215 19.28 -2.66 18.64
N TRP B 216 18.65 -2.32 19.76
CA TRP B 216 19.10 -2.73 21.08
C TRP B 216 18.97 -4.25 21.29
N PHE B 217 17.82 -4.82 20.92
CA PHE B 217 17.65 -6.28 20.92
C PHE B 217 18.74 -6.96 20.09
N GLY B 218 19.03 -6.41 18.91
CA GLY B 218 20.03 -6.99 18.02
C GLY B 218 21.41 -7.05 18.66
N ARG B 219 21.81 -5.97 19.32
CA ARG B 219 23.07 -5.95 20.04
C ARG B 219 23.10 -6.98 21.19
N GLN B 220 22.00 -7.14 21.91
CA GLN B 220 21.94 -8.12 23.01
C GLN B 220 21.99 -9.56 22.48
N TYR B 221 21.28 -9.83 21.39
CA TYR B 221 21.08 -11.20 20.91
C TYR B 221 22.33 -11.83 20.29
N PHE B 222 23.05 -11.07 19.48
CA PHE B 222 24.16 -11.62 18.71
C PHE B 222 25.52 -11.32 19.35
N SER B 223 26.45 -12.26 19.26
CA SER B 223 27.84 -12.05 19.66
C SER B 223 28.47 -11.05 18.68
N LYS B 224 28.25 -11.28 17.40
CA LYS B 224 28.68 -10.36 16.35
C LYS B 224 27.48 -10.12 15.43
N PRO B 225 27.38 -8.92 14.83
CA PRO B 225 26.23 -8.63 13.96
C PRO B 225 26.09 -9.57 12.74
N GLN B 226 27.21 -10.06 12.23
CA GLN B 226 27.22 -10.99 11.09
CA GLN B 226 27.24 -11.02 11.10
C GLN B 226 26.45 -12.28 11.39
N ASP B 227 26.32 -12.63 12.66
CA ASP B 227 25.61 -13.86 13.07
C ASP B 227 24.14 -13.88 12.60
N ALA B 228 23.58 -12.70 12.31
CA ALA B 228 22.22 -12.57 11.78
C ALA B 228 22.05 -13.17 10.39
N LEU B 229 23.16 -13.40 9.69
CA LEU B 229 23.14 -14.06 8.38
C LEU B 229 22.83 -15.56 8.45
N SER B 230 22.92 -16.16 9.63
CA SER B 230 22.55 -17.55 9.81
C SER B 230 21.04 -17.77 9.60
N PRO B 231 20.65 -18.90 8.96
CA PRO B 231 19.24 -19.20 8.77
C PRO B 231 18.51 -19.57 10.04
N TYR B 232 19.26 -19.92 11.09
CA TYR B 232 18.70 -20.22 12.40
C TYR B 232 18.42 -18.90 13.16
N ALA B 233 19.01 -17.81 12.66
CA ALA B 233 18.70 -16.43 13.12
C ALA B 233 17.64 -15.76 12.22
N SER B 234 17.86 -15.84 10.92
CA SER B 234 16.97 -15.24 9.92
C SER B 234 16.37 -16.34 9.04
N PRO B 235 15.31 -17.00 9.52
CA PRO B 235 14.76 -18.13 8.74
C PRO B 235 14.28 -17.76 7.33
N ILE B 236 14.08 -16.47 7.06
CA ILE B 236 13.72 -16.04 5.71
C ILE B 236 14.80 -16.40 4.67
N PHE B 237 16.03 -16.65 5.13
CA PHE B 237 17.12 -17.11 4.26
C PHE B 237 17.29 -18.62 4.20
N ALA B 238 16.53 -19.37 5.00
CA ALA B 238 16.60 -20.83 5.02
C ALA B 238 16.03 -21.48 3.77
N ASP B 239 16.41 -22.73 3.53
CA ASP B 239 15.65 -23.57 2.59
C ASP B 239 14.30 -23.82 3.27
N LEU B 240 13.22 -23.63 2.54
CA LEU B 240 11.90 -23.70 3.16
C LEU B 240 11.05 -24.87 2.65
N SER B 241 11.66 -25.81 1.93
CA SER B 241 10.91 -26.96 1.47
C SER B 241 10.72 -27.97 2.60
N ASN B 242 9.63 -28.75 2.51
CA ASN B 242 9.38 -29.84 3.46
CA ASN B 242 9.32 -29.83 3.45
C ASN B 242 9.06 -29.34 4.88
N LEU B 243 8.63 -28.08 5.00
CA LEU B 243 8.28 -27.50 6.29
C LEU B 243 6.78 -27.69 6.54
N PRO B 244 6.35 -27.66 7.80
CA PRO B 244 4.94 -27.93 8.04
C PRO B 244 4.06 -26.73 7.65
N PRO B 245 2.77 -26.99 7.37
CA PRO B 245 1.84 -25.93 7.03
C PRO B 245 1.87 -24.84 8.06
N ALA B 246 1.64 -23.60 7.60
CA ALA B 246 1.86 -22.41 8.42
C ALA B 246 0.70 -21.44 8.39
N LEU B 247 0.38 -20.88 9.56
CA LEU B 247 -0.48 -19.72 9.65
C LEU B 247 0.41 -18.63 10.16
N VAL B 248 0.49 -17.53 9.40
CA VAL B 248 1.24 -16.34 9.78
C VAL B 248 0.25 -15.19 10.00
N ILE B 249 0.27 -14.65 11.21
CA ILE B 249 -0.53 -13.50 11.59
C ILE B 249 0.35 -12.26 11.56
N THR B 250 -0.08 -11.25 10.80
CA THR B 250 0.62 -9.96 10.79
C THR B 250 -0.31 -8.83 11.25
N ALA B 251 0.30 -7.70 11.62
CA ALA B 251 -0.43 -6.54 12.08
C ALA B 251 -0.11 -5.40 11.10
N GLU B 252 -1.10 -4.55 10.86
CA GLU B 252 -1.00 -3.48 9.86
C GLU B 252 0.13 -2.50 10.18
N TYR B 253 0.22 -2.09 11.44
CA TYR B 253 1.15 -1.06 11.85
C TYR B 253 2.32 -1.66 12.60
N ASP B 254 3.01 -2.58 11.91
CA ASP B 254 4.04 -3.42 12.49
C ASP B 254 5.26 -3.38 11.58
N PRO B 255 6.44 -3.02 12.13
CA PRO B 255 7.69 -3.08 11.39
C PRO B 255 7.98 -4.44 10.73
N LEU B 256 7.52 -5.50 11.39
CA LEU B 256 7.76 -6.85 10.95
C LEU B 256 6.71 -7.37 9.97
N ARG B 257 5.72 -6.55 9.64
CA ARG B 257 4.63 -6.96 8.77
C ARG B 257 5.13 -7.50 7.42
N ASP B 258 5.89 -6.68 6.70
CA ASP B 258 6.33 -7.08 5.38
C ASP B 258 7.05 -8.42 5.41
N GLU B 259 8.00 -8.61 6.33
CA GLU B 259 8.80 -9.83 6.30
C GLU B 259 8.00 -11.10 6.65
N GLY B 260 6.97 -10.94 7.48
CA GLY B 260 6.13 -12.06 7.86
C GLY B 260 5.24 -12.47 6.73
N GLU B 261 4.75 -11.48 5.97
CA GLU B 261 3.92 -11.77 4.82
C GLU B 261 4.80 -12.35 3.71
N LEU B 262 6.04 -11.87 3.62
CA LEU B 262 7.01 -12.42 2.66
C LEU B 262 7.38 -13.87 2.99
N TYR B 263 7.49 -14.18 4.29
CA TYR B 263 7.82 -15.54 4.73
C TYR B 263 6.70 -16.52 4.30
N ALA B 264 5.46 -16.17 4.57
CA ALA B 264 4.32 -16.98 4.16
C ALA B 264 4.37 -17.26 2.65
N HIS B 265 4.59 -16.22 1.86
CA HIS B 265 4.67 -16.37 0.41
C HIS B 265 5.83 -17.24 -0.03
N LEU B 266 6.97 -17.13 0.63
CA LEU B 266 8.13 -17.92 0.24
C LEU B 266 7.91 -19.39 0.57
N LEU B 267 7.27 -19.67 1.71
CA LEU B 267 6.85 -21.05 2.01
C LEU B 267 6.04 -21.64 0.86
N LYS B 268 5.06 -20.88 0.36
CA LYS B 268 4.23 -21.35 -0.78
C LYS B 268 5.05 -21.66 -2.01
N THR B 269 6.06 -20.86 -2.30
CA THR B 269 6.87 -21.07 -3.50
C THR B 269 7.67 -22.38 -3.38
N ARG B 270 7.90 -22.87 -2.17
CA ARG B 270 8.54 -24.18 -1.98
C ARG B 270 7.52 -25.32 -1.74
N GLY B 271 6.27 -25.10 -2.12
CA GLY B 271 5.24 -26.13 -2.02
C GLY B 271 4.69 -26.34 -0.62
N VAL B 272 5.02 -25.46 0.31
CA VAL B 272 4.46 -25.56 1.67
C VAL B 272 3.15 -24.76 1.70
N ARG B 273 2.10 -25.39 2.19
CA ARG B 273 0.83 -24.73 2.40
C ARG B 273 0.98 -23.71 3.53
N ALA B 274 0.56 -22.47 3.24
CA ALA B 274 0.77 -21.36 4.15
C ALA B 274 -0.23 -20.25 3.89
N VAL B 275 -0.68 -19.63 4.96
CA VAL B 275 -1.63 -18.52 4.89
C VAL B 275 -1.09 -17.36 5.72
N ALA B 276 -1.03 -16.18 5.11
CA ALA B 276 -0.80 -14.96 5.83
C ALA B 276 -2.11 -14.16 5.95
N VAL B 277 -2.44 -13.78 7.19
CA VAL B 277 -3.58 -12.93 7.46
CA VAL B 277 -3.59 -12.93 7.48
C VAL B 277 -3.10 -11.66 8.17
N ARG B 278 -3.44 -10.50 7.61
CA ARG B 278 -3.11 -9.22 8.22
C ARG B 278 -4.27 -8.68 9.04
N TYR B 279 -4.04 -8.44 10.34
CA TYR B 279 -5.00 -7.71 11.19
C TYR B 279 -4.83 -6.18 11.06
N ASN B 280 -5.88 -5.53 10.55
CA ASN B 280 -5.85 -4.10 10.31
C ASN B 280 -6.02 -3.26 11.58
N GLY B 281 -5.48 -2.05 11.55
CA GLY B 281 -5.63 -1.09 12.63
C GLY B 281 -4.91 -1.41 13.93
N VAL B 282 -3.95 -2.33 13.91
CA VAL B 282 -3.28 -2.69 15.16
C VAL B 282 -1.77 -2.76 14.97
N ILE B 283 -1.06 -2.74 16.10
CA ILE B 283 0.39 -2.70 16.13
C ILE B 283 0.93 -4.09 16.46
N HIS B 284 2.25 -4.23 16.36
CA HIS B 284 2.98 -5.38 16.86
C HIS B 284 2.61 -5.63 18.31
N GLY B 285 2.44 -6.91 18.65
CA GLY B 285 2.21 -7.32 20.03
C GLY B 285 0.76 -7.28 20.44
N PHE B 286 -0.14 -7.01 19.49
CA PHE B 286 -1.54 -6.74 19.84
C PHE B 286 -2.27 -7.93 20.46
N VAL B 287 -1.81 -9.14 20.21
CA VAL B 287 -2.50 -10.32 20.73
C VAL B 287 -2.54 -10.29 22.26
N ASN B 288 -1.44 -9.89 22.91
CA ASN B 288 -1.35 -9.86 24.37
C ASN B 288 -2.27 -8.86 24.99
N PHE B 289 -2.72 -7.92 24.16
CA PHE B 289 -3.65 -6.85 24.53
C PHE B 289 -5.11 -7.26 24.39
N TYR B 290 -5.39 -8.56 24.21
CA TYR B 290 -6.75 -8.99 23.88
C TYR B 290 -7.84 -8.65 24.92
N PRO B 291 -7.47 -8.50 26.21
CA PRO B 291 -8.56 -8.13 27.14
C PRO B 291 -9.20 -6.79 26.80
N ILE B 292 -8.49 -5.94 26.06
CA ILE B 292 -9.01 -4.62 25.71
C ILE B 292 -9.07 -4.33 24.19
N LEU B 293 -8.53 -5.21 23.36
CA LEU B 293 -8.56 -5.03 21.92
C LEU B 293 -9.32 -6.20 21.30
N GLU B 294 -10.42 -5.91 20.60
CA GLU B 294 -11.19 -6.96 19.93
C GLU B 294 -10.33 -7.75 18.93
N GLU B 295 -9.42 -7.07 18.23
CA GLU B 295 -8.47 -7.74 17.32
C GLU B 295 -7.70 -8.85 18.04
N GLY B 296 -7.32 -8.57 19.29
CA GLY B 296 -6.62 -9.56 20.10
C GLY B 296 -7.45 -10.82 20.32
N ARG B 297 -8.71 -10.63 20.73
CA ARG B 297 -9.60 -11.78 21.00
C ARG B 297 -9.84 -12.55 19.72
N GLU B 298 -10.06 -11.84 18.63
CA GLU B 298 -10.25 -12.49 17.33
C GLU B 298 -9.02 -13.34 16.95
N ALA B 299 -7.83 -12.81 17.18
CA ALA B 299 -6.60 -13.52 16.87
C ALA B 299 -6.48 -14.82 17.64
N VAL B 300 -6.70 -14.76 18.96
CA VAL B 300 -6.62 -15.98 19.76
C VAL B 300 -7.66 -17.01 19.28
N SER B 301 -8.86 -16.55 18.97
CA SER B 301 -9.92 -17.40 18.41
C SER B 301 -9.46 -18.05 17.13
N GLN B 302 -8.89 -17.24 16.26
CA GLN B 302 -8.44 -17.73 14.97
C GLN B 302 -7.32 -18.74 15.14
N ILE B 303 -6.32 -18.36 15.90
CA ILE B 303 -5.16 -19.20 16.18
C ILE B 303 -5.59 -20.58 16.74
N ALA B 304 -6.39 -20.57 17.79
CA ALA B 304 -6.76 -21.80 18.48
C ALA B 304 -7.52 -22.75 17.53
N ALA B 305 -8.42 -22.20 16.72
CA ALA B 305 -9.24 -23.02 15.81
C ALA B 305 -8.40 -23.54 14.67
N SER B 306 -7.48 -22.73 14.20
CA SER B 306 -6.61 -23.15 13.10
C SER B 306 -5.77 -24.34 13.54
N ILE B 307 -5.24 -24.29 14.77
CA ILE B 307 -4.45 -25.38 15.32
C ILE B 307 -5.35 -26.57 15.56
N LYS B 308 -6.49 -26.32 16.20
CA LYS B 308 -7.42 -27.40 16.56
C LYS B 308 -7.83 -28.26 15.36
N SER B 309 -8.09 -27.63 14.23
CA SER B 309 -8.48 -28.37 13.03
C SER B 309 -7.34 -28.47 12.00
N MET B 310 -6.15 -27.98 12.33
CA MET B 310 -5.04 -27.87 11.37
C MET B 310 -5.53 -27.37 9.98
N ALA B 311 -6.26 -26.26 10.02
CA ALA B 311 -7.01 -25.74 8.88
C ALA B 311 -6.19 -25.62 7.60
N VAL B 312 -5.00 -25.04 7.73
CA VAL B 312 -4.09 -24.79 6.60
C VAL B 312 -3.54 -26.06 5.94
N ALA B 313 -3.48 -27.19 6.66
CA ALA B 313 -2.87 -28.42 6.13
C ALA B 313 -3.56 -28.89 4.85
N PRO C 2 -2.89 0.78 -11.46
CA PRO C 2 -2.95 -0.08 -12.64
C PRO C 2 -1.95 0.35 -13.70
N LEU C 3 -1.31 -0.61 -14.37
CA LEU C 3 -0.37 -0.31 -15.46
C LEU C 3 -1.00 0.61 -16.48
N SER C 4 -0.19 1.53 -16.99
CA SER C 4 -0.57 2.30 -18.16
C SER C 4 -0.97 1.36 -19.28
N PRO C 5 -2.14 1.59 -19.90
CA PRO C 5 -2.60 0.74 -20.99
C PRO C 5 -1.61 0.59 -22.14
N ILE C 6 -0.95 1.67 -22.52
CA ILE C 6 0.00 1.62 -23.64
C ILE C 6 1.20 0.76 -23.25
N LEU C 7 1.56 0.80 -21.97
CA LEU C 7 2.63 -0.05 -21.42
C LEU C 7 2.22 -1.52 -21.37
N ARG C 8 0.93 -1.80 -21.18
CA ARG C 8 0.41 -3.16 -21.36
C ARG C 8 0.73 -3.66 -22.78
N GLN C 9 0.31 -2.87 -23.77
CA GLN C 9 0.53 -3.19 -25.18
C GLN C 9 2.03 -3.28 -25.54
N ILE C 10 2.85 -2.47 -24.87
CA ILE C 10 4.29 -2.51 -25.07
C ILE C 10 4.91 -3.76 -24.45
N LEU C 11 4.35 -4.25 -23.35
CA LEU C 11 4.83 -5.50 -22.74
C LEU C 11 4.30 -6.76 -23.47
N GLN C 12 3.04 -6.76 -23.89
CA GLN C 12 2.50 -7.88 -24.67
C GLN C 12 3.33 -8.11 -25.94
N GLN C 13 3.74 -7.01 -26.56
CA GLN C 13 4.77 -7.03 -27.61
C GLN C 13 6.12 -6.82 -26.95
N LEU C 14 6.65 -7.91 -26.40
CA LEU C 14 8.01 -7.95 -25.87
C LEU C 14 8.42 -9.39 -25.64
N ALA C 15 7.48 -10.22 -25.20
CA ALA C 15 7.62 -11.66 -25.32
C ALA C 15 7.75 -12.01 -26.80
N ALA C 16 6.64 -11.91 -27.53
CA ALA C 16 6.63 -12.12 -28.99
C ALA C 16 7.40 -13.36 -29.41
N MET C 24 21.04 -18.45 -22.28
CA MET C 24 21.63 -17.34 -23.01
C MET C 24 22.97 -16.92 -22.41
N ASP C 25 23.98 -16.79 -23.27
CA ASP C 25 25.27 -16.28 -22.84
C ASP C 25 25.23 -14.76 -22.82
N VAL C 26 26.23 -14.16 -22.17
CA VAL C 26 26.26 -12.72 -21.97
C VAL C 26 26.29 -11.95 -23.29
N LYS C 27 27.07 -12.45 -24.26
CA LYS C 27 27.24 -11.77 -25.55
C LYS C 27 25.90 -11.54 -26.26
N THR C 28 25.07 -12.58 -26.29
CA THR C 28 23.78 -12.52 -26.97
C THR C 28 22.82 -11.55 -26.30
N VAL C 29 22.66 -11.70 -24.99
CA VAL C 29 21.86 -10.79 -24.19
C VAL C 29 22.32 -9.34 -24.32
N ARG C 30 23.64 -9.14 -24.37
CA ARG C 30 24.20 -7.80 -24.58
C ARG C 30 23.78 -7.21 -25.92
N GLU C 31 23.96 -7.99 -26.99
CA GLU C 31 23.58 -7.59 -28.35
C GLU C 31 22.10 -7.30 -28.49
N GLN C 32 21.24 -8.10 -27.87
CA GLN C 32 19.80 -7.86 -27.93
C GLN C 32 19.41 -6.60 -27.16
N PHE C 33 20.04 -6.35 -26.03
CA PHE C 33 19.79 -5.13 -25.27
C PHE C 33 20.22 -3.92 -26.12
N GLU C 34 21.36 -4.08 -26.80
CA GLU C 34 21.90 -3.01 -27.63
C GLU C 34 20.95 -2.72 -28.78
N LYS C 35 20.53 -3.76 -29.49
CA LYS C 35 19.65 -3.60 -30.64
C LYS C 35 18.32 -2.94 -30.28
N SER C 36 17.63 -3.49 -29.27
CA SER C 36 16.34 -2.90 -28.88
C SER C 36 16.47 -1.48 -28.32
N SER C 37 17.50 -1.21 -27.51
CA SER C 37 17.76 0.16 -27.05
C SER C 37 17.90 1.13 -28.23
N LEU C 38 18.64 0.71 -29.26
CA LEU C 38 18.87 1.57 -30.42
C LEU C 38 17.57 1.95 -31.15
N ILE C 39 16.58 1.06 -31.12
CA ILE C 39 15.26 1.38 -31.67
C ILE C 39 14.73 2.65 -31.01
N LEU C 40 14.84 2.71 -29.69
CA LEU C 40 14.34 3.84 -28.92
C LEU C 40 15.16 5.11 -29.15
N VAL C 41 16.47 4.94 -29.25
CA VAL C 41 17.40 6.03 -29.57
C VAL C 41 17.05 6.64 -30.91
N LYS C 42 16.90 5.80 -31.93
CA LYS C 42 16.59 6.29 -33.28
C LYS C 42 15.25 7.00 -33.31
N MET C 43 14.25 6.46 -32.60
CA MET C 43 12.93 7.10 -32.66
C MET C 43 12.90 8.43 -31.88
N ALA C 44 13.84 8.62 -30.95
CA ALA C 44 13.99 9.91 -30.27
C ALA C 44 14.67 10.92 -31.21
N ASN C 45 15.65 10.44 -31.98
CA ASN C 45 16.42 11.26 -32.87
C ASN C 45 16.77 12.65 -32.29
N GLU C 46 17.46 12.64 -31.16
CA GLU C 46 17.74 13.89 -30.45
C GLU C 46 18.95 14.61 -31.08
N PRO C 47 18.86 15.95 -31.21
CA PRO C 47 20.03 16.72 -31.64
C PRO C 47 20.97 17.00 -30.46
N ILE C 48 22.20 17.35 -30.77
CA ILE C 48 23.14 17.81 -29.75
C ILE C 48 24.18 18.70 -30.45
N HIS C 49 24.49 19.82 -29.82
CA HIS C 49 25.35 20.84 -30.38
C HIS C 49 26.74 20.26 -30.67
N ARG C 50 27.33 19.62 -29.66
CA ARG C 50 28.63 18.97 -29.81
C ARG C 50 28.62 17.67 -29.01
N VAL C 51 29.24 16.66 -29.58
CA VAL C 51 29.43 15.41 -28.90
C VAL C 51 30.75 14.80 -29.33
N GLU C 52 31.58 14.40 -28.36
CA GLU C 52 32.75 13.58 -28.65
C GLU C 52 33.09 12.64 -27.49
N ASP C 53 33.85 11.60 -27.82
CA ASP C 53 34.29 10.61 -26.82
C ASP C 53 35.68 10.95 -26.31
N ILE C 54 35.90 10.73 -25.03
CA ILE C 54 37.21 10.91 -24.43
C ILE C 54 37.63 9.59 -23.80
N THR C 55 38.92 9.53 -23.43
CA THR C 55 39.46 8.41 -22.69
C THR C 55 39.95 8.90 -21.34
N ILE C 56 39.31 8.43 -20.29
CA ILE C 56 39.65 8.80 -18.92
C ILE C 56 40.60 7.75 -18.36
N PRO C 57 41.78 8.17 -17.91
CA PRO C 57 42.64 7.18 -17.28
C PRO C 57 42.10 6.78 -15.90
N GLY C 58 41.59 5.57 -15.79
CA GLY C 58 41.14 5.04 -14.50
C GLY C 58 42.19 4.12 -13.91
N ARG C 59 41.97 3.68 -12.66
CA ARG C 59 42.89 2.74 -12.00
C ARG C 59 42.97 1.43 -12.75
N GLY C 60 41.86 0.98 -13.32
CA GLY C 60 41.79 -0.30 -14.01
C GLY C 60 42.15 -0.22 -15.48
N GLY C 61 42.57 0.95 -15.94
CA GLY C 61 42.82 1.18 -17.35
C GLY C 61 41.95 2.31 -17.90
N PRO C 62 41.98 2.50 -19.23
CA PRO C 62 41.29 3.61 -19.85
C PRO C 62 39.80 3.39 -19.83
N ILE C 63 39.05 4.47 -19.66
CA ILE C 63 37.61 4.40 -19.55
C ILE C 63 37.05 5.33 -20.62
N ARG C 64 36.30 4.76 -21.56
CA ARG C 64 35.61 5.57 -22.55
C ARG C 64 34.45 6.32 -21.87
N ALA C 65 34.34 7.61 -22.19
CA ALA C 65 33.19 8.45 -21.79
C ALA C 65 32.77 9.28 -23.01
N ARG C 66 31.46 9.54 -23.11
CA ARG C 66 30.92 10.40 -24.15
C ARG C 66 30.49 11.74 -23.51
N VAL C 67 31.01 12.82 -24.09
CA VAL C 67 30.73 14.18 -23.66
C VAL C 67 29.71 14.86 -24.58
N TYR C 68 28.55 15.19 -24.03
CA TYR C 68 27.48 15.85 -24.73
C TYR C 68 27.47 17.29 -24.26
N ARG C 69 27.76 18.23 -25.17
CA ARG C 69 27.75 19.66 -24.86
C ARG C 69 26.59 20.31 -25.63
N PRO C 70 25.64 20.93 -24.91
CA PRO C 70 24.43 21.43 -25.55
C PRO C 70 24.54 22.86 -26.04
N ARG C 71 25.60 23.57 -25.67
CA ARG C 71 25.74 24.98 -26.06
C ARG C 71 27.17 25.42 -25.87
N ASP C 72 27.51 26.57 -26.47
CA ASP C 72 28.81 27.17 -26.31
C ASP C 72 28.95 27.72 -24.89
N GLY C 73 30.18 27.77 -24.40
CA GLY C 73 30.46 28.40 -23.12
C GLY C 73 31.47 27.68 -22.28
N GLU C 74 32.27 28.43 -21.55
CA GLU C 74 33.10 27.86 -20.52
C GLU C 74 32.27 27.86 -19.22
N ARG C 75 32.80 27.22 -18.18
CA ARG C 75 32.12 27.11 -16.89
C ARG C 75 30.62 26.70 -16.96
N LEU C 76 30.30 25.74 -17.84
CA LEU C 76 28.94 25.15 -17.83
C LEU C 76 28.76 24.18 -16.65
N PRO C 77 27.50 24.00 -16.21
CA PRO C 77 27.26 22.92 -15.27
C PRO C 77 27.54 21.57 -15.91
N ALA C 78 27.81 20.57 -15.08
CA ALA C 78 28.22 19.26 -15.52
C ALA C 78 27.41 18.16 -14.85
N VAL C 79 27.06 17.14 -15.62
CA VAL C 79 26.45 15.93 -15.11
C VAL C 79 27.25 14.72 -15.56
N VAL C 80 27.72 13.94 -14.58
CA VAL C 80 28.35 12.66 -14.85
C VAL C 80 27.24 11.62 -14.80
N TYR C 81 27.03 10.93 -15.92
CA TYR C 81 25.91 10.01 -16.07
C TYR C 81 26.39 8.56 -16.19
N TYR C 82 25.71 7.64 -15.52
CA TYR C 82 26.02 6.21 -15.58
C TYR C 82 24.79 5.45 -16.01
N HIS C 83 24.90 4.76 -17.13
CA HIS C 83 23.78 4.01 -17.73
C HIS C 83 23.46 2.78 -16.89
N GLY C 84 22.24 2.28 -17.03
CA GLY C 84 21.85 1.03 -16.44
C GLY C 84 22.11 -0.14 -17.36
N GLY C 85 21.65 -1.31 -16.95
CA GLY C 85 21.97 -2.57 -17.65
C GLY C 85 22.38 -3.73 -16.76
N GLY C 86 22.07 -3.64 -15.46
CA GLY C 86 22.35 -4.74 -14.50
C GLY C 86 23.82 -5.02 -14.23
N PHE C 87 24.68 -4.05 -14.52
CA PHE C 87 26.13 -4.17 -14.42
C PHE C 87 26.75 -5.05 -15.51
N VAL C 88 25.93 -5.51 -16.43
CA VAL C 88 26.35 -6.50 -17.43
C VAL C 88 26.12 -6.00 -18.84
N LEU C 89 25.06 -5.22 -19.01
CA LEU C 89 24.60 -4.76 -20.31
C LEU C 89 24.72 -3.25 -20.44
N GLY C 90 24.53 -2.76 -21.66
CA GLY C 90 24.49 -1.33 -21.92
C GLY C 90 25.83 -0.71 -22.24
N SER C 91 25.77 0.58 -22.54
CA SER C 91 26.92 1.35 -22.99
C SER C 91 26.48 2.80 -23.08
N VAL C 92 27.38 3.69 -23.47
CA VAL C 92 26.98 5.06 -23.78
C VAL C 92 25.92 5.06 -24.90
N GLU C 93 26.00 4.09 -25.82
CA GLU C 93 25.07 4.04 -26.97
C GLU C 93 23.63 3.74 -26.57
N THR C 94 23.42 2.88 -25.57
CA THR C 94 22.05 2.48 -25.21
C THR C 94 21.23 3.61 -24.58
N HIS C 95 21.94 4.60 -24.00
CA HIS C 95 21.31 5.72 -23.28
C HIS C 95 21.61 7.11 -23.93
N ASP C 96 22.08 7.08 -25.17
CA ASP C 96 22.50 8.29 -25.89
C ASP C 96 21.36 9.32 -25.98
N HIS C 97 20.16 8.82 -26.29
CA HIS C 97 18.98 9.68 -26.38
C HIS C 97 18.66 10.37 -25.06
N VAL C 98 18.65 9.63 -23.96
CA VAL C 98 18.39 10.20 -22.66
C VAL C 98 19.43 11.28 -22.36
N CYS C 99 20.71 10.98 -22.58
CA CYS C 99 21.76 11.97 -22.30
C CYS C 99 21.68 13.24 -23.15
N ARG C 100 21.44 13.09 -24.44
CA ARG C 100 21.28 14.26 -25.31
C ARG C 100 20.13 15.16 -24.80
N ARG C 101 18.98 14.54 -24.50
CA ARG C 101 17.78 15.27 -24.05
C ARG C 101 18.01 15.95 -22.70
N LEU C 102 18.67 15.24 -21.80
CA LEU C 102 19.07 15.79 -20.49
C LEU C 102 19.94 17.04 -20.62
N ALA C 103 20.94 16.97 -21.50
CA ALA C 103 21.85 18.10 -21.74
C ALA C 103 21.12 19.29 -22.36
N ASN C 104 20.23 19.03 -23.32
CA ASN C 104 19.53 20.12 -24.00
C ASN C 104 18.58 20.85 -23.06
N LEU C 105 17.85 20.07 -22.25
CA LEU C 105 16.90 20.64 -21.32
C LEU C 105 17.59 21.25 -20.09
N SER C 106 18.65 20.62 -19.60
CA SER C 106 19.36 21.12 -18.42
C SER C 106 20.31 22.26 -18.72
N GLY C 107 20.87 22.27 -19.94
CA GLY C 107 21.91 23.24 -20.30
C GLY C 107 23.30 22.79 -19.83
N ALA C 108 23.37 21.61 -19.20
CA ALA C 108 24.61 21.07 -18.67
C ALA C 108 25.32 20.17 -19.68
N VAL C 109 26.65 20.21 -19.64
CA VAL C 109 27.47 19.19 -20.29
C VAL C 109 27.26 17.87 -19.57
N VAL C 110 26.85 16.84 -20.32
CA VAL C 110 26.68 15.49 -19.78
C VAL C 110 27.86 14.59 -20.19
N VAL C 111 28.53 14.01 -19.18
CA VAL C 111 29.62 13.08 -19.39
C VAL C 111 29.14 11.68 -18.99
N SER C 112 28.67 10.92 -19.99
CA SER C 112 28.22 9.55 -19.79
C SER C 112 29.43 8.61 -19.73
N VAL C 113 29.49 7.76 -18.72
CA VAL C 113 30.67 6.91 -18.47
C VAL C 113 30.45 5.47 -18.92
N ASP C 114 31.35 5.00 -19.79
CA ASP C 114 31.29 3.63 -20.28
C ASP C 114 32.12 2.74 -19.34
N TYR C 115 31.60 2.56 -18.12
CA TYR C 115 32.28 1.76 -17.08
C TYR C 115 32.38 0.28 -17.45
N ARG C 116 33.40 -0.39 -16.90
CA ARG C 116 33.68 -1.78 -17.25
C ARG C 116 32.54 -2.70 -16.85
N LEU C 117 32.22 -3.65 -17.72
CA LEU C 117 31.07 -4.55 -17.51
C LEU C 117 31.44 -5.94 -16.98
N ALA C 118 30.61 -6.45 -16.08
CA ALA C 118 30.70 -7.84 -15.59
C ALA C 118 30.03 -8.77 -16.61
N PRO C 119 30.35 -10.08 -16.58
CA PRO C 119 31.24 -10.79 -15.65
C PRO C 119 32.73 -10.65 -15.91
N GLU C 120 33.12 -9.99 -17.03
CA GLU C 120 34.53 -9.85 -17.36
C GLU C 120 35.27 -9.08 -16.27
N HIS C 121 34.60 -8.03 -15.77
CA HIS C 121 35.12 -7.18 -14.72
C HIS C 121 34.13 -7.14 -13.56
N LYS C 122 34.34 -8.07 -12.63
CA LYS C 122 33.50 -8.23 -11.48
C LYS C 122 33.58 -7.01 -10.59
N PHE C 123 32.53 -6.81 -9.80
CA PHE C 123 32.53 -5.87 -8.69
C PHE C 123 33.88 -5.96 -7.96
N PRO C 124 34.51 -4.82 -7.61
CA PRO C 124 34.10 -3.42 -7.71
C PRO C 124 34.68 -2.66 -8.93
N ALA C 125 34.97 -3.38 -10.02
CA ALA C 125 35.53 -2.73 -11.23
C ALA C 125 34.76 -1.47 -11.66
N ALA C 126 33.44 -1.61 -11.83
CA ALA C 126 32.59 -0.48 -12.26
C ALA C 126 32.52 0.64 -11.20
N VAL C 127 32.44 0.26 -9.93
CA VAL C 127 32.49 1.24 -8.85
C VAL C 127 33.75 2.11 -8.94
N GLU C 128 34.89 1.45 -9.09
CA GLU C 128 36.16 2.13 -9.24
C GLU C 128 36.16 3.05 -10.47
N ASP C 129 35.62 2.56 -11.58
CA ASP C 129 35.54 3.37 -12.81
C ASP C 129 34.61 4.56 -12.68
N ALA C 130 33.53 4.39 -11.91
CA ALA C 130 32.55 5.44 -11.76
C ALA C 130 33.13 6.58 -10.96
N TYR C 131 33.81 6.24 -9.88
CA TYR C 131 34.46 7.25 -9.08
C TYR C 131 35.58 7.95 -9.86
N ASP C 132 36.45 7.18 -10.50
CA ASP C 132 37.61 7.72 -11.22
C ASP C 132 37.19 8.71 -12.31
N ALA C 133 36.06 8.43 -12.97
CA ALA C 133 35.56 9.29 -14.07
C ALA C 133 34.93 10.59 -13.53
N ALA C 134 34.17 10.48 -12.46
CA ALA C 134 33.58 11.66 -11.79
C ALA C 134 34.66 12.59 -11.27
N LYS C 135 35.70 12.03 -10.65
CA LYS C 135 36.86 12.77 -10.18
C LYS C 135 37.63 13.40 -11.34
N TRP C 136 37.93 12.61 -12.36
CA TRP C 136 38.62 13.15 -13.53
C TRP C 136 37.88 14.38 -14.08
N VAL C 137 36.55 14.30 -14.22
CA VAL C 137 35.76 15.43 -14.72
C VAL C 137 35.92 16.67 -13.82
N ALA C 138 35.84 16.46 -12.51
CA ALA C 138 36.07 17.53 -11.53
C ALA C 138 37.43 18.15 -11.70
N ASP C 139 38.45 17.30 -11.82
CA ASP C 139 39.85 17.70 -11.96
C ASP C 139 40.14 18.37 -13.32
N ASN C 140 39.43 17.96 -14.36
CA ASN C 140 39.75 18.39 -15.71
C ASN C 140 38.68 19.30 -16.32
N TYR C 141 38.09 20.13 -15.47
CA TYR C 141 37.00 21.05 -15.86
C TYR C 141 37.39 22.01 -16.98
N ASP C 142 38.64 22.43 -17.00
CA ASP C 142 39.11 23.39 -17.98
C ASP C 142 39.09 22.78 -19.39
N LYS C 143 39.58 21.56 -19.55
CA LYS C 143 39.53 20.93 -20.87
C LYS C 143 38.10 20.60 -21.32
N LEU C 144 37.18 20.50 -20.37
CA LEU C 144 35.79 20.23 -20.68
C LEU C 144 34.95 21.51 -20.87
N GLY C 145 35.41 22.64 -20.36
CA GLY C 145 34.60 23.85 -20.37
C GLY C 145 33.46 23.78 -19.40
N VAL C 146 33.67 23.09 -18.29
CA VAL C 146 32.67 23.00 -17.24
C VAL C 146 33.12 23.71 -15.96
N ASP C 147 32.15 23.90 -15.08
CA ASP C 147 32.38 24.46 -13.76
C ASP C 147 32.65 23.31 -12.81
N ASN C 148 33.88 23.19 -12.28
CA ASN C 148 34.20 22.11 -11.30
C ASN C 148 33.43 22.15 -9.96
N GLY C 149 32.76 23.27 -9.70
CA GLY C 149 31.86 23.43 -8.54
C GLY C 149 30.37 23.28 -8.84
N LYS C 150 30.04 22.81 -10.03
CA LYS C 150 28.64 22.54 -10.41
C LYS C 150 28.56 21.18 -11.14
N ILE C 151 29.05 20.14 -10.46
CA ILE C 151 28.98 18.76 -10.95
C ILE C 151 27.96 17.95 -10.17
N ALA C 152 27.01 17.38 -10.92
CA ALA C 152 26.07 16.41 -10.39
C ALA C 152 26.40 15.02 -10.95
N VAL C 153 26.02 14.00 -10.16
CA VAL C 153 26.02 12.63 -10.64
C VAL C 153 24.58 12.16 -10.85
N ALA C 154 24.40 11.28 -11.83
CA ALA C 154 23.09 10.75 -12.14
C ALA C 154 23.24 9.42 -12.84
N GLY C 155 22.22 8.56 -12.71
CA GLY C 155 22.24 7.25 -13.38
C GLY C 155 20.97 6.46 -13.17
N ASP C 156 20.66 5.56 -14.10
CA ASP C 156 19.45 4.73 -14.02
C ASP C 156 19.78 3.30 -13.62
N SER C 157 19.04 2.79 -12.66
CA SER C 157 19.09 1.38 -12.28
C SER C 157 20.45 1.01 -11.69
N ALA C 158 21.21 0.12 -12.34
CA ALA C 158 22.59 -0.12 -11.93
C ALA C 158 23.44 1.16 -11.95
N GLY C 159 23.22 2.00 -12.96
CA GLY C 159 23.85 3.30 -13.03
C GLY C 159 23.43 4.21 -11.87
N GLY C 160 22.22 4.02 -11.36
CA GLY C 160 21.78 4.74 -10.18
C GLY C 160 22.58 4.32 -8.97
N ASN C 161 22.86 3.03 -8.88
CA ASN C 161 23.71 2.47 -7.83
C ASN C 161 25.09 3.08 -7.90
N LEU C 162 25.67 3.10 -9.09
CA LEU C 162 26.99 3.68 -9.30
C LEU C 162 27.04 5.16 -8.90
N ALA C 163 25.97 5.91 -9.18
CA ALA C 163 25.98 7.34 -8.83
C ALA C 163 25.90 7.55 -7.31
N ALA C 164 25.15 6.68 -6.62
CA ALA C 164 24.98 6.80 -5.19
C ALA C 164 26.28 6.44 -4.50
N VAL C 165 26.93 5.38 -4.99
CA VAL C 165 28.21 4.90 -4.46
C VAL C 165 29.35 5.92 -4.75
N THR C 166 29.40 6.47 -5.97
CA THR C 166 30.38 7.52 -6.28
C THR C 166 30.26 8.70 -5.28
N ALA C 167 29.03 9.12 -4.97
CA ALA C 167 28.82 10.20 -4.01
C ALA C 167 29.30 9.79 -2.61
N ILE C 168 29.05 8.54 -2.22
CA ILE C 168 29.55 8.01 -0.94
C ILE C 168 31.09 8.00 -0.84
N MET C 169 31.74 7.62 -1.92
CA MET C 169 33.19 7.54 -1.98
C MET C 169 33.84 8.91 -1.82
N ALA C 170 33.35 9.88 -2.59
CA ALA C 170 33.80 11.25 -2.47
C ALA C 170 33.63 11.70 -1.02
N ARG C 171 32.47 11.39 -0.44
CA ARG C 171 32.15 11.78 0.95
C ARG C 171 33.17 11.19 1.91
N ASP C 172 33.52 9.93 1.68
CA ASP C 172 34.45 9.22 2.56
C ASP C 172 35.84 9.87 2.54
N ARG C 173 36.19 10.48 1.41
CA ARG C 173 37.47 11.20 1.26
C ARG C 173 37.43 12.67 1.69
N GLY C 174 36.27 13.15 2.11
CA GLY C 174 36.08 14.57 2.41
C GLY C 174 36.18 15.45 1.18
N GLU C 175 35.93 14.87 0.01
CA GLU C 175 35.86 15.63 -1.25
C GLU C 175 34.45 16.14 -1.48
N SER C 176 34.36 17.31 -2.08
CA SER C 176 33.07 18.01 -2.19
C SER C 176 32.65 18.31 -3.62
N PHE C 177 33.24 17.63 -4.61
CA PHE C 177 32.91 17.94 -6.01
C PHE C 177 31.53 17.47 -6.47
N VAL C 178 30.91 16.54 -5.73
CA VAL C 178 29.55 16.07 -6.06
C VAL C 178 28.54 16.91 -5.30
N LYS C 179 27.81 17.73 -6.03
CA LYS C 179 26.90 18.71 -5.42
C LYS C 179 25.42 18.31 -5.44
N TYR C 180 25.09 17.27 -6.19
CA TYR C 180 23.70 16.88 -6.44
C TYR C 180 23.75 15.47 -6.98
N GLN C 181 22.82 14.61 -6.56
CA GLN C 181 22.72 13.24 -7.09
C GLN C 181 21.31 12.94 -7.54
N VAL C 182 21.14 12.47 -8.78
CA VAL C 182 19.83 12.05 -9.25
C VAL C 182 19.86 10.55 -9.50
N LEU C 183 19.15 9.80 -8.67
CA LEU C 183 19.15 8.35 -8.74
C LEU C 183 17.82 7.93 -9.35
N ILE C 184 17.89 7.40 -10.56
CA ILE C 184 16.74 7.02 -11.35
C ILE C 184 16.46 5.53 -11.16
N TYR C 185 15.41 5.22 -10.41
CA TYR C 185 15.15 3.86 -9.93
C TYR C 185 16.42 3.06 -9.63
N PRO C 186 17.21 3.54 -8.66
CA PRO C 186 18.48 2.89 -8.35
C PRO C 186 18.29 1.56 -7.63
N ALA C 187 19.29 0.68 -7.77
CA ALA C 187 19.38 -0.56 -6.98
C ALA C 187 20.31 -0.26 -5.83
N VAL C 188 19.77 -0.19 -4.62
CA VAL C 188 20.57 0.22 -3.46
C VAL C 188 20.86 -0.91 -2.45
N ASN C 189 20.19 -2.04 -2.63
CA ASN C 189 20.41 -3.26 -1.86
C ASN C 189 20.55 -4.45 -2.83
N LEU C 190 21.78 -4.94 -3.02
CA LEU C 190 22.01 -6.03 -3.96
C LEU C 190 22.09 -7.41 -3.28
N THR C 191 21.84 -7.45 -1.96
CA THR C 191 21.75 -8.72 -1.24
C THR C 191 20.46 -9.46 -1.61
N GLY C 192 20.30 -10.67 -1.10
CA GLY C 192 19.05 -11.41 -1.34
C GLY C 192 17.94 -11.05 -0.36
N SER C 193 18.14 -10.03 0.46
CA SER C 193 17.17 -9.66 1.48
C SER C 193 15.95 -9.08 0.82
N PRO C 194 14.79 -9.69 1.06
CA PRO C 194 13.61 -9.27 0.30
C PRO C 194 12.87 -8.05 0.83
N THR C 195 12.30 -7.31 -0.11
CA THR C 195 11.29 -6.30 0.14
C THR C 195 10.01 -6.77 -0.54
N VAL C 196 8.87 -6.18 -0.15
CA VAL C 196 7.59 -6.50 -0.75
C VAL C 196 7.61 -6.25 -2.26
N SER C 197 8.10 -5.09 -2.69
CA SER C 197 8.10 -4.79 -4.12
C SER C 197 9.00 -5.74 -4.90
N ARG C 198 10.10 -6.19 -4.29
CA ARG C 198 11.03 -7.09 -5.00
C ARG C 198 10.38 -8.38 -5.44
N VAL C 199 9.52 -8.91 -4.58
CA VAL C 199 8.74 -10.11 -4.85
C VAL C 199 7.49 -9.81 -5.69
N GLU C 200 6.84 -8.69 -5.39
CA GLU C 200 5.54 -8.37 -5.99
C GLU C 200 5.58 -8.13 -7.51
N TYR C 201 6.65 -7.49 -7.99
CA TYR C 201 6.74 -7.06 -9.39
C TYR C 201 7.87 -7.73 -10.20
N SER C 202 8.37 -8.87 -9.75
CA SER C 202 9.45 -9.59 -10.42
C SER C 202 8.98 -10.86 -11.13
N GLY C 203 7.67 -11.05 -11.26
CA GLY C 203 7.11 -12.18 -12.01
C GLY C 203 7.32 -12.00 -13.51
N PRO C 204 7.13 -13.07 -14.29
CA PRO C 204 7.31 -13.01 -15.76
C PRO C 204 6.51 -11.89 -16.44
N GLU C 205 5.30 -11.65 -15.94
CA GLU C 205 4.37 -10.69 -16.54
C GLU C 205 4.91 -9.27 -16.70
N TYR C 206 5.97 -8.93 -15.96
CA TYR C 206 6.54 -7.57 -16.05
C TYR C 206 7.75 -7.44 -16.99
N VAL C 207 8.35 -8.56 -17.39
CA VAL C 207 9.40 -8.60 -18.44
C VAL C 207 10.74 -7.89 -18.17
N ILE C 208 10.74 -6.58 -17.97
CA ILE C 208 12.00 -5.82 -17.88
C ILE C 208 12.95 -6.28 -16.75
N LEU C 209 12.40 -6.58 -15.58
CA LEU C 209 13.23 -6.94 -14.46
C LEU C 209 12.54 -8.04 -13.66
N THR C 210 12.70 -9.27 -14.14
CA THR C 210 12.15 -10.45 -13.51
C THR C 210 13.14 -11.00 -12.45
N ALA C 211 12.65 -11.84 -11.53
CA ALA C 211 13.50 -12.44 -10.49
C ALA C 211 14.68 -13.19 -11.11
N ASP C 212 14.39 -13.97 -12.15
CA ASP C 212 15.41 -14.72 -12.85
C ASP C 212 16.47 -13.81 -13.46
N LEU C 213 16.06 -12.67 -14.00
CA LEU C 213 17.03 -11.73 -14.56
C LEU C 213 17.86 -11.07 -13.47
N MET C 214 17.21 -10.72 -12.34
CA MET C 214 17.92 -10.13 -11.21
C MET C 214 18.96 -11.10 -10.67
N ALA C 215 18.60 -12.38 -10.55
CA ALA C 215 19.51 -13.42 -10.05
C ALA C 215 20.66 -13.57 -11.04
N TRP C 216 20.35 -13.61 -12.33
CA TRP C 216 21.34 -13.73 -13.37
C TRP C 216 22.33 -12.57 -13.30
N PHE C 217 21.84 -11.34 -13.17
CA PHE C 217 22.72 -10.17 -13.03
C PHE C 217 23.64 -10.28 -11.83
N GLY C 218 23.08 -10.70 -10.70
CA GLY C 218 23.85 -10.88 -9.47
C GLY C 218 24.97 -11.90 -9.62
N ARG C 219 24.72 -12.97 -10.38
CA ARG C 219 25.73 -14.00 -10.60
C ARG C 219 26.86 -13.50 -11.49
N GLN C 220 26.50 -12.65 -12.47
CA GLN C 220 27.50 -12.01 -13.33
C GLN C 220 28.31 -10.92 -12.61
N TYR C 221 27.64 -10.08 -11.84
CA TYR C 221 28.29 -8.92 -11.20
C TYR C 221 29.30 -9.31 -10.14
N PHE C 222 28.89 -10.22 -9.25
CA PHE C 222 29.71 -10.59 -8.09
C PHE C 222 30.55 -11.82 -8.35
N SER C 223 31.79 -11.80 -7.87
CA SER C 223 32.67 -12.97 -7.89
C SER C 223 32.20 -14.01 -6.86
N LYS C 224 31.69 -13.53 -5.72
CA LYS C 224 30.99 -14.39 -4.77
C LYS C 224 29.75 -13.66 -4.26
N PRO C 225 28.67 -14.40 -3.94
CA PRO C 225 27.43 -13.68 -3.61
C PRO C 225 27.52 -12.78 -2.35
N GLN C 226 28.35 -13.17 -1.37
CA GLN C 226 28.51 -12.37 -0.17
C GLN C 226 29.11 -10.97 -0.40
N ASP C 227 29.70 -10.74 -1.57
CA ASP C 227 30.19 -9.39 -1.93
C ASP C 227 29.08 -8.33 -1.96
N ALA C 228 27.84 -8.78 -2.12
CA ALA C 228 26.69 -7.90 -2.04
C ALA C 228 26.60 -7.18 -0.69
N LEU C 229 27.20 -7.75 0.34
CA LEU C 229 27.17 -7.15 1.67
C LEU C 229 27.99 -5.90 1.77
N SER C 230 28.94 -5.71 0.84
CA SER C 230 29.77 -4.51 0.85
C SER C 230 28.89 -3.28 0.66
N PRO C 231 29.15 -2.22 1.44
CA PRO C 231 28.41 -0.97 1.25
C PRO C 231 28.71 -0.27 -0.08
N TYR C 232 29.75 -0.70 -0.80
CA TYR C 232 30.00 -0.23 -2.15
C TYR C 232 29.18 -0.99 -3.17
N ALA C 233 28.62 -2.12 -2.74
CA ALA C 233 27.67 -2.89 -3.55
C ALA C 233 26.25 -2.47 -3.22
N SER C 234 25.97 -2.39 -1.92
CA SER C 234 24.66 -2.10 -1.41
C SER C 234 24.69 -0.82 -0.58
N PRO C 235 24.63 0.35 -1.25
CA PRO C 235 24.77 1.65 -0.57
C PRO C 235 23.74 1.92 0.53
N ILE C 236 22.62 1.21 0.52
CA ILE C 236 21.64 1.34 1.59
C ILE C 236 22.22 0.96 2.97
N PHE C 237 23.33 0.22 2.99
CA PHE C 237 24.02 -0.11 4.25
C PHE C 237 25.13 0.88 4.63
N ALA C 238 25.40 1.86 3.75
CA ALA C 238 26.42 2.87 4.00
C ALA C 238 25.95 3.86 5.07
N ASP C 239 26.92 4.52 5.70
CA ASP C 239 26.64 5.73 6.47
C ASP C 239 26.24 6.83 5.48
N LEU C 240 25.09 7.47 5.71
CA LEU C 240 24.52 8.36 4.69
C LEU C 240 24.66 9.85 4.97
N SER C 241 25.43 10.20 6.00
CA SER C 241 25.54 11.59 6.45
C SER C 241 26.43 12.40 5.53
N ASN C 242 26.13 13.69 5.41
CA ASN C 242 26.91 14.66 4.63
C ASN C 242 27.01 14.35 3.13
N LEU C 243 26.08 13.55 2.61
CA LEU C 243 25.95 13.34 1.17
C LEU C 243 25.21 14.49 0.48
N PRO C 244 25.41 14.64 -0.85
CA PRO C 244 24.78 15.74 -1.56
C PRO C 244 23.26 15.54 -1.67
N PRO C 245 22.51 16.66 -1.81
CA PRO C 245 21.05 16.57 -1.91
C PRO C 245 20.65 15.67 -3.06
N ALA C 246 19.54 14.94 -2.89
CA ALA C 246 19.15 13.89 -3.82
C ALA C 246 17.73 14.00 -4.35
N LEU C 247 17.57 13.69 -5.64
CA LEU C 247 16.26 13.41 -6.23
C LEU C 247 16.25 11.94 -6.58
N VAL C 248 15.27 11.20 -6.05
CA VAL C 248 15.12 9.77 -6.34
C VAL C 248 13.80 9.51 -7.02
N ILE C 249 13.88 8.96 -8.24
CA ILE C 249 12.71 8.64 -9.03
C ILE C 249 12.45 7.15 -8.90
N THR C 250 11.23 6.77 -8.54
CA THR C 250 10.85 5.35 -8.48
C THR C 250 9.72 5.09 -9.45
N ALA C 251 9.48 3.82 -9.73
CA ALA C 251 8.39 3.38 -10.60
C ALA C 251 7.46 2.49 -9.75
N GLU C 252 6.15 2.61 -9.96
CA GLU C 252 5.16 1.89 -9.17
C GLU C 252 5.27 0.36 -9.30
N TYR C 253 5.51 -0.14 -10.51
CA TYR C 253 5.54 -1.57 -10.78
C TYR C 253 6.96 -2.03 -10.98
N ASP C 254 7.76 -1.84 -9.96
CA ASP C 254 9.20 -2.02 -10.04
C ASP C 254 9.68 -2.73 -8.78
N PRO C 255 10.42 -3.86 -8.93
CA PRO C 255 11.06 -4.53 -7.80
C PRO C 255 11.88 -3.63 -6.89
N LEU C 256 12.55 -2.65 -7.48
CA LEU C 256 13.47 -1.76 -6.75
C LEU C 256 12.76 -0.57 -6.10
N ARG C 257 11.44 -0.53 -6.19
CA ARG C 257 10.68 0.63 -5.73
C ARG C 257 10.81 0.88 -4.25
N ASP C 258 10.62 -0.17 -3.46
CA ASP C 258 10.73 -0.04 -1.99
C ASP C 258 12.08 0.50 -1.56
N GLU C 259 13.14 -0.11 -2.07
CA GLU C 259 14.48 0.24 -1.62
C GLU C 259 14.91 1.63 -2.08
N GLY C 260 14.50 2.02 -3.29
CA GLY C 260 14.69 3.40 -3.75
C GLY C 260 14.06 4.42 -2.78
N GLU C 261 12.83 4.16 -2.38
CA GLU C 261 12.11 5.07 -1.51
C GLU C 261 12.63 4.99 -0.07
N LEU C 262 13.07 3.81 0.35
CA LEU C 262 13.77 3.69 1.63
C LEU C 262 15.06 4.50 1.65
N TYR C 263 15.81 4.49 0.54
CA TYR C 263 17.08 5.20 0.45
C TYR C 263 16.87 6.71 0.61
N ALA C 264 15.90 7.26 -0.12
CA ALA C 264 15.58 8.68 0.01
C ALA C 264 15.26 9.03 1.47
N HIS C 265 14.45 8.20 2.12
CA HIS C 265 14.08 8.45 3.52
C HIS C 265 15.27 8.45 4.46
N LEU C 266 16.14 7.46 4.31
CA LEU C 266 17.27 7.31 5.20
C LEU C 266 18.27 8.47 5.02
N LEU C 267 18.39 8.98 3.79
CA LEU C 267 19.12 10.24 3.57
C LEU C 267 18.54 11.35 4.45
N LYS C 268 17.24 11.54 4.42
CA LYS C 268 16.58 12.53 5.26
C LYS C 268 16.91 12.33 6.75
N THR C 269 16.88 11.08 7.23
CA THR C 269 17.16 10.84 8.65
C THR C 269 18.55 11.33 9.02
N ARG C 270 19.49 11.31 8.07
CA ARG C 270 20.84 11.78 8.33
C ARG C 270 21.03 13.27 8.01
N GLY C 271 19.95 14.01 7.75
CA GLY C 271 20.02 15.46 7.54
C GLY C 271 20.28 15.92 6.11
N VAL C 272 20.27 14.98 5.18
CA VAL C 272 20.49 15.26 3.77
C VAL C 272 19.15 15.61 3.13
N ARG C 273 19.10 16.72 2.43
CA ARG C 273 17.89 17.07 1.71
C ARG C 273 17.69 16.13 0.55
N ALA C 274 16.49 15.57 0.47
CA ALA C 274 16.22 14.45 -0.42
C ALA C 274 14.74 14.40 -0.75
N VAL C 275 14.42 14.19 -2.02
CA VAL C 275 13.03 14.07 -2.45
C VAL C 275 12.85 12.77 -3.22
N ALA C 276 11.81 12.01 -2.86
CA ALA C 276 11.46 10.79 -3.58
C ALA C 276 10.13 10.96 -4.31
N VAL C 277 10.15 10.78 -5.63
CA VAL C 277 8.94 10.87 -6.46
CA VAL C 277 8.94 10.86 -6.44
C VAL C 277 8.70 9.52 -7.13
N ARG C 278 7.50 8.99 -7.00
CA ARG C 278 7.13 7.73 -7.61
C ARG C 278 6.29 7.96 -8.83
N TYR C 279 6.67 7.37 -9.96
CA TYR C 279 5.90 7.51 -11.18
C TYR C 279 4.93 6.34 -11.28
N ASN C 280 3.64 6.65 -11.29
CA ASN C 280 2.63 5.61 -11.32
C ASN C 280 2.46 5.01 -12.70
N GLY C 281 1.96 3.78 -12.70
CA GLY C 281 1.53 3.08 -13.93
C GLY C 281 2.67 2.51 -14.76
N VAL C 282 3.90 2.62 -14.26
CA VAL C 282 5.07 2.29 -15.07
C VAL C 282 6.01 1.37 -14.32
N ILE C 283 6.85 0.74 -15.14
CA ILE C 283 7.77 -0.31 -14.72
C ILE C 283 9.21 0.22 -14.62
N HIS C 284 10.10 -0.60 -14.08
CA HIS C 284 11.52 -0.31 -14.07
C HIS C 284 12.00 -0.01 -15.47
N GLY C 285 12.92 0.94 -15.61
CA GLY C 285 13.50 1.27 -16.92
C GLY C 285 12.64 2.17 -17.81
N PHE C 286 11.58 2.74 -17.25
CA PHE C 286 10.61 3.47 -18.09
C PHE C 286 11.17 4.72 -18.78
N VAL C 287 12.22 5.30 -18.21
CA VAL C 287 12.74 6.54 -18.75
C VAL C 287 13.19 6.36 -20.20
N ASN C 288 13.87 5.25 -20.48
CA ASN C 288 14.43 5.03 -21.83
C ASN C 288 13.34 4.91 -22.88
N PHE C 289 12.11 4.61 -22.45
CA PHE C 289 10.95 4.49 -23.38
C PHE C 289 10.26 5.83 -23.69
N TYR C 290 10.84 6.96 -23.29
CA TYR C 290 10.14 8.25 -23.40
C TYR C 290 9.56 8.62 -24.79
N PRO C 291 10.17 8.13 -25.89
CA PRO C 291 9.53 8.48 -27.17
C PRO C 291 8.11 7.94 -27.34
N ILE C 292 7.76 6.90 -26.60
CA ILE C 292 6.43 6.31 -26.72
C ILE C 292 5.69 6.21 -25.38
N LEU C 293 6.19 6.87 -24.36
CA LEU C 293 5.64 6.72 -23.04
C LEU C 293 5.67 8.06 -22.32
N GLU C 294 4.50 8.64 -22.05
CA GLU C 294 4.45 10.01 -21.51
C GLU C 294 5.20 10.15 -20.17
N GLU C 295 5.15 9.11 -19.32
CA GLU C 295 5.91 9.12 -18.05
C GLU C 295 7.38 9.37 -18.32
N GLY C 296 7.90 8.79 -19.39
CA GLY C 296 9.32 8.93 -19.73
C GLY C 296 9.73 10.36 -20.04
N ARG C 297 8.91 11.04 -20.82
CA ARG C 297 9.15 12.44 -21.17
C ARG C 297 9.09 13.32 -19.93
N GLU C 298 8.08 13.09 -19.10
CA GLU C 298 7.92 13.85 -17.88
C GLU C 298 9.12 13.68 -16.94
N ALA C 299 9.59 12.45 -16.79
CA ALA C 299 10.74 12.16 -15.96
C ALA C 299 12.00 12.86 -16.44
N VAL C 300 12.27 12.84 -17.75
CA VAL C 300 13.47 13.52 -18.26
C VAL C 300 13.37 15.03 -18.02
N SER C 301 12.19 15.57 -18.28
CA SER C 301 11.89 16.99 -18.03
C SER C 301 12.11 17.37 -16.56
N GLN C 302 11.66 16.51 -15.66
CA GLN C 302 11.81 16.75 -14.23
C GLN C 302 13.27 16.68 -13.81
N ILE C 303 13.95 15.63 -14.26
CA ILE C 303 15.35 15.42 -13.90
C ILE C 303 16.20 16.59 -14.42
N ALA C 304 16.02 16.96 -15.68
CA ALA C 304 16.81 18.04 -16.27
C ALA C 304 16.62 19.37 -15.54
N ALA C 305 15.37 19.72 -15.23
CA ALA C 305 15.06 20.97 -14.53
C ALA C 305 15.52 20.96 -13.07
N SER C 306 15.45 19.80 -12.44
CA SER C 306 15.89 19.66 -11.05
C SER C 306 17.41 19.90 -10.98
N ILE C 307 18.14 19.35 -11.96
CA ILE C 307 19.59 19.50 -12.04
C ILE C 307 19.95 20.95 -12.33
N LYS C 308 19.27 21.53 -13.29
CA LYS C 308 19.55 22.90 -13.69
C LYS C 308 19.43 23.83 -12.49
N SER C 309 18.35 23.71 -11.73
CA SER C 309 18.11 24.62 -10.62
C SER C 309 18.54 24.06 -9.28
N MET C 310 19.06 22.84 -9.23
CA MET C 310 19.39 22.16 -7.96
C MET C 310 18.26 22.35 -6.92
N ALA C 311 17.06 22.02 -7.38
CA ALA C 311 15.83 22.37 -6.70
C ALA C 311 15.78 21.81 -5.29
N VAL C 312 16.34 20.60 -5.11
CA VAL C 312 16.27 19.92 -3.81
C VAL C 312 17.23 20.53 -2.75
N ALA C 313 18.30 21.15 -3.22
CA ALA C 313 19.36 21.65 -2.35
C ALA C 313 18.84 22.63 -1.29
N PRO D 2 7.87 7.20 5.54
CA PRO D 2 7.49 8.06 6.68
C PRO D 2 7.38 9.53 6.28
N LEU D 3 6.81 10.36 7.15
CA LEU D 3 6.84 11.80 6.96
C LEU D 3 8.27 12.29 6.97
N SER D 4 8.61 13.18 6.03
CA SER D 4 9.85 13.93 6.11
C SER D 4 9.98 14.47 7.54
N PRO D 5 11.16 14.29 8.17
CA PRO D 5 11.37 14.76 9.54
C PRO D 5 11.01 16.22 9.77
N ILE D 6 11.40 17.09 8.85
CA ILE D 6 11.13 18.53 9.03
C ILE D 6 9.64 18.83 8.92
N LEU D 7 8.93 18.10 8.07
CA LEU D 7 7.47 18.23 7.98
C LEU D 7 6.82 17.78 9.28
N ARG D 8 7.42 16.78 9.93
CA ARG D 8 6.96 16.32 11.23
C ARG D 8 7.09 17.45 12.25
N GLN D 9 8.20 18.20 12.17
CA GLN D 9 8.40 19.41 12.98
C GLN D 9 7.40 20.52 12.63
N ILE D 10 7.30 20.82 11.34
CA ILE D 10 6.41 21.87 10.85
C ILE D 10 4.97 21.65 11.33
N LEU D 11 4.48 20.42 11.17
CA LEU D 11 3.13 20.05 11.65
C LEU D 11 2.97 20.25 13.16
N GLN D 12 3.93 19.72 13.93
CA GLN D 12 3.93 19.80 15.41
C GLN D 12 3.72 21.21 15.96
N GLN D 13 4.03 22.21 15.15
CA GLN D 13 3.67 23.61 15.43
C GLN D 13 2.28 23.86 14.86
N LEU D 14 1.27 23.21 15.47
CA LEU D 14 -0.14 23.29 15.05
C LEU D 14 -0.38 24.14 13.80
N PHE D 20 -8.49 24.55 13.63
CA PHE D 20 -9.84 24.76 13.12
C PHE D 20 -10.89 23.93 13.87
N ARG D 21 -12.08 24.50 14.01
CA ARG D 21 -13.25 23.78 14.55
C ARG D 21 -14.46 23.96 13.61
N PRO D 22 -15.28 22.90 13.46
CA PRO D 22 -16.40 22.92 12.51
C PRO D 22 -17.50 23.98 12.76
N ASP D 23 -17.46 24.67 13.89
CA ASP D 23 -18.44 25.73 14.19
C ASP D 23 -17.85 27.16 14.12
N MET D 24 -16.66 27.31 13.52
CA MET D 24 -16.09 28.64 13.25
C MET D 24 -16.84 29.26 12.08
N ASP D 25 -16.93 30.59 12.07
CA ASP D 25 -17.59 31.29 10.98
C ASP D 25 -16.59 31.51 9.84
N VAL D 26 -17.12 31.64 8.65
CA VAL D 26 -16.33 31.68 7.43
C VAL D 26 -15.22 32.73 7.48
N LYS D 27 -15.52 33.91 8.01
CA LYS D 27 -14.60 35.05 7.94
C LYS D 27 -13.35 34.85 8.80
N THR D 28 -13.53 34.27 9.99
CA THR D 28 -12.40 33.99 10.88
C THR D 28 -11.42 33.02 10.23
N VAL D 29 -11.96 31.96 9.64
CA VAL D 29 -11.14 30.96 8.97
C VAL D 29 -10.45 31.55 7.73
N ARG D 30 -11.12 32.45 7.03
CA ARG D 30 -10.52 33.16 5.90
C ARG D 30 -9.32 33.99 6.36
N GLU D 31 -9.53 34.79 7.40
CA GLU D 31 -8.47 35.61 7.97
C GLU D 31 -7.26 34.77 8.35
N GLN D 32 -7.50 33.68 9.07
CA GLN D 32 -6.42 32.82 9.54
C GLN D 32 -5.68 32.13 8.37
N PHE D 33 -6.44 31.71 7.36
CA PHE D 33 -5.84 31.11 6.17
C PHE D 33 -4.94 32.13 5.47
N GLU D 34 -5.48 33.32 5.22
CA GLU D 34 -4.73 34.39 4.55
CA GLU D 34 -4.73 34.41 4.57
C GLU D 34 -3.44 34.71 5.34
N LYS D 35 -3.59 35.02 6.63
CA LYS D 35 -2.44 35.40 7.46
C LYS D 35 -1.32 34.37 7.42
N SER D 36 -1.66 33.09 7.63
CA SER D 36 -0.67 32.01 7.60
C SER D 36 -0.06 31.81 6.22
N SER D 37 -0.89 31.88 5.17
CA SER D 37 -0.38 31.80 3.79
C SER D 37 0.63 32.89 3.50
N LEU D 38 0.33 34.12 3.89
CA LEU D 38 1.20 35.27 3.62
C LEU D 38 2.58 35.13 4.29
N ILE D 39 2.66 34.41 5.41
CA ILE D 39 3.97 34.14 6.01
C ILE D 39 4.85 33.39 5.01
N LEU D 40 4.28 32.40 4.34
CA LEU D 40 5.01 31.59 3.36
C LEU D 40 5.35 32.40 2.11
N VAL D 41 4.45 33.30 1.71
CA VAL D 41 4.67 34.19 0.55
C VAL D 41 5.85 35.13 0.84
N LYS D 42 5.86 35.70 2.03
CA LYS D 42 6.94 36.59 2.47
C LYS D 42 8.32 35.90 2.51
N MET D 43 8.36 34.67 3.01
CA MET D 43 9.65 33.99 3.12
C MET D 43 10.19 33.49 1.79
N ALA D 44 9.32 33.22 0.82
CA ALA D 44 9.73 32.97 -0.56
C ALA D 44 10.33 34.25 -1.18
N ASN D 45 9.66 35.38 -0.96
CA ASN D 45 10.08 36.65 -1.51
C ASN D 45 10.42 36.55 -2.99
N GLU D 46 9.48 36.10 -3.80
CA GLU D 46 9.78 35.88 -5.23
C GLU D 46 9.79 37.20 -6.02
N PRO D 47 10.75 37.35 -6.94
CA PRO D 47 10.73 38.49 -7.83
C PRO D 47 9.77 38.22 -8.99
N ILE D 48 9.40 39.29 -9.70
CA ILE D 48 8.65 39.18 -10.93
C ILE D 48 8.92 40.42 -11.77
N HIS D 49 9.15 40.20 -13.05
CA HIS D 49 9.42 41.28 -13.99
C HIS D 49 8.25 42.28 -13.98
N ARG D 50 7.04 41.81 -14.28
CA ARG D 50 5.83 42.65 -14.27
C ARG D 50 4.64 41.89 -13.66
N VAL D 51 3.82 42.58 -12.88
CA VAL D 51 2.61 42.02 -12.33
C VAL D 51 1.54 43.11 -12.21
N GLU D 52 0.31 42.77 -12.57
CA GLU D 52 -0.83 43.65 -12.35
C GLU D 52 -2.16 42.92 -12.27
N ASP D 53 -3.10 43.55 -11.58
CA ASP D 53 -4.41 43.01 -11.38
C ASP D 53 -5.31 43.55 -12.49
N ILE D 54 -6.10 42.66 -13.08
CA ILE D 54 -7.07 43.04 -14.09
C ILE D 54 -8.45 42.57 -13.64
N THR D 55 -9.48 43.07 -14.33
CA THR D 55 -10.86 42.65 -14.11
C THR D 55 -11.39 41.91 -15.34
N ILE D 56 -11.71 40.64 -15.15
CA ILE D 56 -12.30 39.80 -16.18
C ILE D 56 -13.83 39.79 -16.05
N PRO D 57 -14.56 40.19 -17.11
CA PRO D 57 -16.02 40.11 -17.05
C PRO D 57 -16.53 38.68 -17.22
N GLY D 58 -17.00 38.08 -16.13
CA GLY D 58 -17.57 36.74 -16.18
C GLY D 58 -19.06 36.84 -16.42
N ARG D 59 -19.67 35.69 -16.71
CA ARG D 59 -21.15 35.56 -16.73
C ARG D 59 -21.79 35.99 -15.43
N GLY D 60 -21.17 35.63 -14.31
CA GLY D 60 -21.72 35.95 -12.98
C GLY D 60 -21.23 37.27 -12.39
N GLY D 61 -20.50 38.06 -13.17
CA GLY D 61 -19.94 39.32 -12.71
C GLY D 61 -18.43 39.44 -12.88
N PRO D 62 -17.85 40.56 -12.41
CA PRO D 62 -16.41 40.84 -12.57
C PRO D 62 -15.56 39.93 -11.72
N ILE D 63 -14.51 39.38 -12.32
CA ILE D 63 -13.60 38.45 -11.65
C ILE D 63 -12.22 39.09 -11.63
N ARG D 64 -11.65 39.27 -10.45
CA ARG D 64 -10.27 39.74 -10.36
C ARG D 64 -9.32 38.64 -10.83
N ALA D 65 -8.30 39.00 -11.60
CA ALA D 65 -7.24 38.09 -11.96
C ALA D 65 -5.93 38.82 -11.76
N ARG D 66 -4.88 38.08 -11.39
CA ARG D 66 -3.54 38.63 -11.32
C ARG D 66 -2.69 38.06 -12.45
N VAL D 67 -2.06 38.96 -13.20
CA VAL D 67 -1.24 38.59 -14.35
C VAL D 67 0.22 38.77 -13.98
N TYR D 68 0.96 37.65 -14.00
CA TYR D 68 2.39 37.62 -13.70
C TYR D 68 3.12 37.44 -15.01
N ARG D 69 3.85 38.46 -15.44
CA ARG D 69 4.63 38.39 -16.66
C ARG D 69 6.12 38.31 -16.30
N PRO D 70 6.78 37.16 -16.59
CA PRO D 70 8.16 36.93 -16.17
C PRO D 70 9.22 37.53 -17.09
N ARG D 71 8.82 37.98 -18.28
CA ARG D 71 9.76 38.47 -19.28
C ARG D 71 9.02 39.20 -20.38
N ASP D 72 9.80 39.86 -21.23
CA ASP D 72 9.27 40.63 -22.34
C ASP D 72 8.95 39.71 -23.51
N GLY D 73 8.14 40.21 -24.42
CA GLY D 73 7.76 39.45 -25.61
C GLY D 73 6.27 39.25 -25.76
N GLU D 74 5.80 39.36 -27.00
CA GLU D 74 4.45 38.95 -27.34
C GLU D 74 4.48 37.44 -27.56
N ARG D 75 3.30 36.84 -27.65
CA ARG D 75 3.17 35.40 -27.88
C ARG D 75 3.92 34.50 -26.87
N LEU D 76 3.87 34.89 -25.60
CA LEU D 76 4.39 34.03 -24.53
C LEU D 76 3.36 32.95 -24.22
N PRO D 77 3.82 31.78 -23.78
CA PRO D 77 2.86 30.80 -23.31
C PRO D 77 2.15 31.29 -22.05
N ALA D 78 1.02 30.66 -21.71
CA ALA D 78 0.21 31.13 -20.59
C ALA D 78 -0.22 29.98 -19.72
N VAL D 79 -0.42 30.29 -18.44
CA VAL D 79 -0.98 29.35 -17.49
C VAL D 79 -2.13 30.04 -16.77
N VAL D 80 -3.34 29.52 -16.88
CA VAL D 80 -4.43 30.01 -16.05
C VAL D 80 -4.39 29.22 -14.75
N TYR D 81 -4.19 29.91 -13.63
CA TYR D 81 -3.98 29.27 -12.35
C TYR D 81 -5.12 29.53 -11.38
N TYR D 82 -5.54 28.47 -10.70
CA TYR D 82 -6.62 28.54 -9.71
C TYR D 82 -6.08 28.12 -8.35
N HIS D 83 -6.10 29.06 -7.42
CA HIS D 83 -5.65 28.78 -6.06
C HIS D 83 -6.54 27.74 -5.34
N GLY D 84 -5.95 27.10 -4.35
CA GLY D 84 -6.68 26.16 -3.51
C GLY D 84 -7.26 26.90 -2.31
N GLY D 85 -7.93 26.12 -1.47
CA GLY D 85 -8.62 26.64 -0.30
C GLY D 85 -10.02 26.07 -0.08
N GLY D 86 -10.28 24.86 -0.53
CA GLY D 86 -11.58 24.22 -0.27
C GLY D 86 -12.80 24.88 -0.89
N PHE D 87 -12.59 25.69 -1.92
CA PHE D 87 -13.67 26.46 -2.58
C PHE D 87 -14.25 27.56 -1.69
N VAL D 88 -13.61 27.79 -0.55
CA VAL D 88 -14.11 28.67 0.49
C VAL D 88 -13.08 29.72 0.95
N LEU D 89 -11.80 29.36 0.93
CA LEU D 89 -10.73 30.21 1.43
C LEU D 89 -9.78 30.65 0.31
N GLY D 90 -8.89 31.58 0.62
CA GLY D 90 -7.79 31.91 -0.28
C GLY D 90 -8.09 32.96 -1.32
N SER D 91 -7.04 33.35 -2.03
CA SER D 91 -7.11 34.41 -3.03
C SER D 91 -5.84 34.39 -3.89
N VAL D 92 -5.73 35.34 -4.83
CA VAL D 92 -4.50 35.49 -5.58
C VAL D 92 -3.34 35.75 -4.60
N GLU D 93 -3.65 36.39 -3.47
CA GLU D 93 -2.62 36.74 -2.49
C GLU D 93 -1.94 35.54 -1.84
N THR D 94 -2.72 34.50 -1.56
CA THR D 94 -2.27 33.38 -0.73
C THR D 94 -1.33 32.42 -1.49
N HIS D 95 -1.37 32.50 -2.81
CA HIS D 95 -0.60 31.65 -3.71
C HIS D 95 0.31 32.50 -4.63
N ASP D 96 0.54 33.75 -4.22
CA ASP D 96 1.27 34.72 -5.05
C ASP D 96 2.68 34.23 -5.34
N HIS D 97 3.34 33.68 -4.31
CA HIS D 97 4.70 33.17 -4.41
C HIS D 97 4.84 32.02 -5.41
N VAL D 98 3.92 31.04 -5.31
CA VAL D 98 3.87 29.90 -6.22
C VAL D 98 3.67 30.39 -7.65
N CYS D 99 2.79 31.36 -7.86
CA CYS D 99 2.56 31.85 -9.23
C CYS D 99 3.76 32.62 -9.80
N ARG D 100 4.40 33.45 -8.99
CA ARG D 100 5.64 34.12 -9.41
C ARG D 100 6.74 33.13 -9.84
N ARG D 101 6.95 32.10 -9.02
CA ARG D 101 8.01 31.14 -9.24
C ARG D 101 7.70 30.27 -10.43
N LEU D 102 6.44 29.85 -10.57
CA LEU D 102 5.97 29.14 -11.75
C LEU D 102 6.20 29.97 -13.00
N ALA D 103 5.81 31.24 -12.99
CA ALA D 103 6.09 32.15 -14.12
C ALA D 103 7.58 32.22 -14.50
N ASN D 104 8.43 32.48 -13.52
CA ASN D 104 9.87 32.65 -13.77
C ASN D 104 10.54 31.38 -14.31
N LEU D 105 10.18 30.23 -13.73
CA LEU D 105 10.77 28.97 -14.12
C LEU D 105 10.23 28.45 -15.46
N SER D 106 8.93 28.65 -15.70
CA SER D 106 8.29 28.24 -16.96
C SER D 106 8.49 29.19 -18.14
N GLY D 107 8.78 30.47 -17.88
CA GLY D 107 8.78 31.49 -18.93
C GLY D 107 7.36 31.94 -19.36
N ALA D 108 6.33 31.38 -18.72
CA ALA D 108 4.94 31.62 -19.13
C ALA D 108 4.31 32.73 -18.31
N VAL D 109 3.41 33.49 -18.95
CA VAL D 109 2.57 34.43 -18.23
C VAL D 109 1.58 33.64 -17.40
N VAL D 110 1.50 33.93 -16.11
CA VAL D 110 0.56 33.22 -15.24
C VAL D 110 -0.60 34.12 -14.88
N VAL D 111 -1.82 33.61 -15.05
CA VAL D 111 -3.02 34.39 -14.75
C VAL D 111 -3.77 33.71 -13.64
N SER D 112 -3.56 34.18 -12.43
CA SER D 112 -4.19 33.58 -11.26
C SER D 112 -5.57 34.21 -11.05
N VAL D 113 -6.60 33.34 -10.98
CA VAL D 113 -8.00 33.79 -11.06
C VAL D 113 -8.64 33.79 -9.67
N ASP D 114 -9.21 34.93 -9.29
CA ASP D 114 -9.87 35.08 -7.99
C ASP D 114 -11.36 34.75 -8.16
N TYR D 115 -11.61 33.46 -8.33
CA TYR D 115 -12.95 32.96 -8.52
C TYR D 115 -13.80 33.21 -7.28
N ARG D 116 -15.12 33.30 -7.48
CA ARG D 116 -16.07 33.48 -6.39
C ARG D 116 -15.97 32.35 -5.37
N LEU D 117 -16.04 32.72 -4.09
CA LEU D 117 -16.00 31.75 -2.99
C LEU D 117 -17.38 31.41 -2.41
N ALA D 118 -17.53 30.15 -1.98
CA ALA D 118 -18.68 29.70 -1.21
C ALA D 118 -18.36 30.04 0.25
N PRO D 119 -19.39 30.15 1.12
CA PRO D 119 -20.81 29.86 0.87
C PRO D 119 -21.57 30.97 0.14
N GLU D 120 -20.97 32.15 0.02
CA GLU D 120 -21.71 33.25 -0.58
C GLU D 120 -22.11 32.87 -1.99
N HIS D 121 -21.18 32.30 -2.75
CA HIS D 121 -21.45 31.87 -4.11
C HIS D 121 -21.25 30.35 -4.24
N LYS D 122 -22.35 29.63 -4.16
CA LYS D 122 -22.33 28.17 -4.16
C LYS D 122 -21.98 27.58 -5.52
N PHE D 123 -21.62 26.30 -5.53
CA PHE D 123 -21.42 25.57 -6.77
C PHE D 123 -22.69 25.74 -7.61
N PRO D 124 -22.55 26.07 -8.91
CA PRO D 124 -21.35 26.12 -9.76
C PRO D 124 -20.76 27.52 -10.05
N ALA D 125 -20.84 28.45 -9.11
CA ALA D 125 -20.28 29.79 -9.32
C ALA D 125 -18.79 29.78 -9.72
N ALA D 126 -17.96 29.13 -8.90
CA ALA D 126 -16.50 29.11 -9.15
C ALA D 126 -16.15 28.44 -10.47
N VAL D 127 -16.86 27.36 -10.77
CA VAL D 127 -16.69 26.62 -12.01
C VAL D 127 -16.95 27.50 -13.25
N GLU D 128 -18.03 28.28 -13.21
CA GLU D 128 -18.34 29.21 -14.29
C GLU D 128 -17.30 30.31 -14.43
N ASP D 129 -16.83 30.86 -13.32
CA ASP D 129 -15.74 31.85 -13.31
C ASP D 129 -14.46 31.27 -13.89
N ALA D 130 -14.15 30.04 -13.52
CA ALA D 130 -12.92 29.38 -13.94
C ALA D 130 -12.86 29.23 -15.45
N TYR D 131 -13.94 28.72 -16.03
CA TYR D 131 -14.01 28.59 -17.46
C TYR D 131 -13.99 29.97 -18.19
N ASP D 132 -14.77 30.91 -17.67
CA ASP D 132 -14.90 32.25 -18.25
C ASP D 132 -13.57 32.99 -18.25
N ALA D 133 -12.81 32.83 -17.18
CA ALA D 133 -11.49 33.45 -17.06
C ALA D 133 -10.50 32.85 -18.06
N ALA D 134 -10.48 31.52 -18.15
CA ALA D 134 -9.60 30.83 -19.10
C ALA D 134 -9.93 31.22 -20.55
N LYS D 135 -11.23 31.23 -20.89
CA LYS D 135 -11.71 31.59 -22.24
C LYS D 135 -11.39 33.05 -22.56
N TRP D 136 -11.57 33.91 -21.56
CA TRP D 136 -11.19 35.31 -21.67
C TRP D 136 -9.70 35.46 -21.98
N VAL D 137 -8.86 34.67 -21.31
CA VAL D 137 -7.43 34.70 -21.60
C VAL D 137 -7.17 34.32 -23.06
N ALA D 138 -7.80 33.25 -23.53
CA ALA D 138 -7.68 32.83 -24.93
C ALA D 138 -8.19 33.89 -25.91
N ASP D 139 -9.30 34.55 -25.57
CA ASP D 139 -9.91 35.57 -26.43
C ASP D 139 -9.18 36.92 -26.46
N ASN D 140 -8.53 37.26 -25.35
CA ASN D 140 -7.82 38.53 -25.18
C ASN D 140 -6.30 38.33 -25.11
N TYR D 141 -5.82 37.31 -25.84
CA TYR D 141 -4.40 36.99 -25.94
C TYR D 141 -3.58 38.23 -26.35
N ASP D 142 -4.15 39.07 -27.23
CA ASP D 142 -3.44 40.27 -27.75
C ASP D 142 -3.20 41.33 -26.67
N LYS D 143 -4.11 41.43 -25.70
CA LYS D 143 -3.96 42.37 -24.59
C LYS D 143 -2.93 41.90 -23.58
N LEU D 144 -2.77 40.58 -23.46
CA LEU D 144 -1.84 39.99 -22.51
C LEU D 144 -0.46 39.68 -23.10
N GLY D 145 -0.33 39.74 -24.43
CA GLY D 145 0.89 39.34 -25.10
C GLY D 145 1.20 37.86 -24.99
N VAL D 146 0.16 37.02 -25.07
CA VAL D 146 0.35 35.59 -25.01
C VAL D 146 -0.05 34.90 -26.30
N ASP D 147 0.39 33.66 -26.40
CA ASP D 147 0.12 32.83 -27.54
C ASP D 147 -1.15 32.03 -27.21
N ASN D 148 -2.22 32.25 -27.99
CA ASN D 148 -3.49 31.63 -27.66
C ASN D 148 -3.50 30.12 -27.97
N GLY D 149 -2.45 29.63 -28.63
CA GLY D 149 -2.23 28.21 -28.86
C GLY D 149 -1.29 27.54 -27.87
N LYS D 150 -0.90 28.23 -26.81
CA LYS D 150 -0.02 27.65 -25.77
C LYS D 150 -0.55 27.96 -24.38
N ILE D 151 -1.86 27.76 -24.17
CA ILE D 151 -2.48 28.02 -22.88
C ILE D 151 -2.63 26.73 -22.09
N ALA D 152 -2.17 26.74 -20.84
CA ALA D 152 -2.38 25.64 -19.91
C ALA D 152 -3.28 26.09 -18.77
N VAL D 153 -3.97 25.12 -18.17
CA VAL D 153 -4.68 25.37 -16.93
C VAL D 153 -3.95 24.63 -15.84
N ALA D 154 -3.94 25.23 -14.64
CA ALA D 154 -3.29 24.63 -13.47
C ALA D 154 -3.99 25.09 -12.20
N GLY D 155 -3.89 24.28 -11.15
CA GLY D 155 -4.40 24.65 -9.84
C GLY D 155 -4.14 23.62 -8.76
N ASP D 156 -4.19 24.04 -7.50
CA ASP D 156 -3.93 23.15 -6.37
C ASP D 156 -5.19 22.87 -5.59
N SER D 157 -5.41 21.59 -5.26
CA SER D 157 -6.47 21.17 -4.36
C SER D 157 -7.84 21.54 -4.99
N ALA D 158 -8.64 22.41 -4.36
CA ALA D 158 -9.87 22.93 -4.99
C ALA D 158 -9.57 23.56 -6.34
N GLY D 159 -8.43 24.25 -6.44
CA GLY D 159 -8.03 24.87 -7.69
C GLY D 159 -7.70 23.85 -8.78
N GLY D 160 -7.25 22.67 -8.36
CA GLY D 160 -7.02 21.55 -9.26
C GLY D 160 -8.30 20.95 -9.82
N ASN D 161 -9.32 20.89 -8.98
CA ASN D 161 -10.68 20.59 -9.43
C ASN D 161 -11.12 21.58 -10.51
N LEU D 162 -10.96 22.86 -10.21
CA LEU D 162 -11.40 23.91 -11.13
C LEU D 162 -10.67 23.84 -12.48
N ALA D 163 -9.38 23.54 -12.44
CA ALA D 163 -8.57 23.35 -13.64
C ALA D 163 -9.09 22.18 -14.46
N ALA D 164 -9.33 21.06 -13.78
CA ALA D 164 -9.84 19.84 -14.41
C ALA D 164 -11.18 20.08 -15.09
N VAL D 165 -12.08 20.73 -14.34
CA VAL D 165 -13.43 20.99 -14.79
C VAL D 165 -13.46 22.02 -15.90
N THR D 166 -12.56 23.00 -15.85
CA THR D 166 -12.41 23.94 -16.95
C THR D 166 -12.03 23.23 -18.26
N ALA D 167 -11.14 22.24 -18.17
CA ALA D 167 -10.76 21.47 -19.35
C ALA D 167 -11.99 20.73 -19.91
N ILE D 168 -12.81 20.21 -19.00
CA ILE D 168 -14.03 19.49 -19.37
C ILE D 168 -15.05 20.45 -20.02
N MET D 169 -15.27 21.61 -19.41
CA MET D 169 -16.18 22.61 -19.99
C MET D 169 -15.78 23.10 -21.39
N ALA D 170 -14.48 23.26 -21.59
CA ALA D 170 -13.96 23.68 -22.88
C ALA D 170 -14.25 22.60 -23.92
N ARG D 171 -13.96 21.36 -23.55
CA ARG D 171 -14.25 20.17 -24.34
C ARG D 171 -15.75 20.05 -24.68
N ASP D 172 -16.61 20.25 -23.69
CA ASP D 172 -18.06 20.18 -23.89
C ASP D 172 -18.57 21.21 -24.90
N ARG D 173 -17.82 22.30 -25.09
CA ARG D 173 -18.20 23.34 -26.06
C ARG D 173 -17.44 23.27 -27.38
N GLY D 174 -16.72 22.18 -27.60
CA GLY D 174 -15.94 22.03 -28.82
C GLY D 174 -14.81 23.06 -28.95
N GLU D 175 -14.39 23.61 -27.82
CA GLU D 175 -13.28 24.58 -27.79
C GLU D 175 -11.96 23.88 -27.49
N SER D 176 -10.86 24.45 -28.01
CA SER D 176 -9.56 23.77 -28.02
C SER D 176 -8.43 24.64 -27.50
N PHE D 177 -8.77 25.67 -26.72
CA PHE D 177 -7.76 26.58 -26.18
C PHE D 177 -6.97 26.03 -24.97
N VAL D 178 -7.45 24.98 -24.33
CA VAL D 178 -6.71 24.35 -23.22
C VAL D 178 -5.85 23.22 -23.77
N LYS D 179 -4.54 23.44 -23.81
CA LYS D 179 -3.62 22.47 -24.40
C LYS D 179 -2.99 21.53 -23.40
N TYR D 180 -3.11 21.86 -22.11
CA TYR D 180 -2.35 21.18 -21.08
C TYR D 180 -3.02 21.42 -19.73
N GLN D 181 -3.03 20.41 -18.87
CA GLN D 181 -3.56 20.60 -17.53
C GLN D 181 -2.62 20.03 -16.49
N VAL D 182 -2.32 20.84 -15.50
CA VAL D 182 -1.52 20.39 -14.39
C VAL D 182 -2.37 20.44 -13.16
N LEU D 183 -2.70 19.27 -12.63
CA LEU D 183 -3.58 19.17 -11.47
C LEU D 183 -2.73 18.84 -10.24
N ILE D 184 -2.57 19.82 -9.36
CA ILE D 184 -1.78 19.64 -8.15
C ILE D 184 -2.68 19.19 -6.99
N TYR D 185 -2.46 17.96 -6.55
CA TYR D 185 -3.33 17.27 -5.58
C TYR D 185 -4.79 17.72 -5.62
N PRO D 186 -5.48 17.46 -6.73
CA PRO D 186 -6.83 17.95 -6.89
C PRO D 186 -7.84 17.13 -6.11
N ALA D 187 -8.99 17.77 -5.82
CA ALA D 187 -10.18 17.08 -5.34
C ALA D 187 -11.05 16.80 -6.57
N VAL D 188 -11.22 15.53 -6.91
CA VAL D 188 -11.93 15.14 -8.13
C VAL D 188 -13.21 14.36 -7.84
N ASN D 189 -13.44 14.07 -6.57
CA ASN D 189 -14.68 13.46 -6.12
C ASN D 189 -15.12 14.19 -4.85
N LEU D 190 -16.20 14.97 -4.95
CA LEU D 190 -16.62 15.82 -3.86
C LEU D 190 -17.82 15.24 -3.13
N THR D 191 -18.21 14.00 -3.48
CA THR D 191 -19.23 13.28 -2.71
C THR D 191 -18.62 12.79 -1.40
N GLY D 192 -19.47 12.29 -0.52
CA GLY D 192 -18.99 11.68 0.73
C GLY D 192 -18.44 10.26 0.60
N SER D 193 -18.24 9.80 -0.64
CA SER D 193 -17.76 8.43 -0.86
C SER D 193 -16.30 8.33 -0.47
N PRO D 194 -15.94 7.37 0.41
CA PRO D 194 -14.56 7.26 0.87
C PRO D 194 -13.62 6.44 -0.05
N THR D 195 -12.34 6.83 -0.03
CA THR D 195 -11.23 6.04 -0.50
C THR D 195 -10.40 5.71 0.73
N VAL D 196 -9.45 4.80 0.58
CA VAL D 196 -8.53 4.48 1.68
C VAL D 196 -7.77 5.73 2.15
N SER D 197 -7.21 6.49 1.20
CA SER D 197 -6.43 7.67 1.61
C SER D 197 -7.31 8.70 2.31
N ARG D 198 -8.55 8.87 1.88
CA ARG D 198 -9.42 9.86 2.50
C ARG D 198 -9.59 9.67 4.00
N VAL D 199 -9.68 8.42 4.43
CA VAL D 199 -9.83 8.12 5.85
C VAL D 199 -8.46 8.03 6.55
N GLU D 200 -7.45 7.54 5.85
CA GLU D 200 -6.15 7.26 6.46
C GLU D 200 -5.47 8.55 6.92
N TYR D 201 -5.52 9.59 6.11
CA TYR D 201 -4.73 10.79 6.37
C TYR D 201 -5.55 12.02 6.72
N SER D 202 -6.75 11.81 7.27
CA SER D 202 -7.66 12.90 7.59
C SER D 202 -7.85 13.10 9.10
N GLY D 203 -7.11 12.36 9.94
CA GLY D 203 -7.13 12.58 11.37
C GLY D 203 -6.38 13.86 11.76
N PRO D 204 -6.66 14.40 12.97
CA PRO D 204 -6.10 15.69 13.42
C PRO D 204 -4.58 15.80 13.32
N GLU D 205 -3.87 14.70 13.60
CA GLU D 205 -2.42 14.69 13.52
C GLU D 205 -1.84 15.12 12.16
N TYR D 206 -2.66 15.18 11.10
CA TYR D 206 -2.19 15.71 9.80
C TYR D 206 -2.48 17.20 9.57
N VAL D 207 -3.40 17.78 10.36
CA VAL D 207 -3.66 19.24 10.41
C VAL D 207 -4.21 19.88 9.12
N ILE D 208 -3.50 19.75 8.01
CA ILE D 208 -3.77 20.55 6.82
C ILE D 208 -5.16 20.30 6.20
N LEU D 209 -5.58 19.03 6.12
CA LEU D 209 -6.86 18.69 5.53
C LEU D 209 -7.52 17.56 6.32
N THR D 210 -8.21 17.92 7.39
CA THR D 210 -8.82 16.93 8.29
C THR D 210 -10.24 16.55 7.86
N ALA D 211 -10.76 15.47 8.42
CA ALA D 211 -12.13 15.01 8.13
C ALA D 211 -13.17 16.11 8.39
N ASP D 212 -13.02 16.82 9.51
CA ASP D 212 -13.94 17.90 9.88
C ASP D 212 -13.87 19.07 8.91
N LEU D 213 -12.66 19.41 8.46
CA LEU D 213 -12.47 20.50 7.51
C LEU D 213 -13.07 20.16 6.16
N MET D 214 -12.87 18.92 5.71
CA MET D 214 -13.40 18.49 4.43
C MET D 214 -14.93 18.51 4.42
N ALA D 215 -15.54 18.03 5.51
CA ALA D 215 -16.99 18.05 5.65
C ALA D 215 -17.49 19.50 5.69
N TRP D 216 -16.77 20.36 6.41
CA TRP D 216 -17.12 21.77 6.50
C TRP D 216 -17.13 22.46 5.11
N PHE D 217 -16.08 22.20 4.32
CA PHE D 217 -15.99 22.71 2.93
C PHE D 217 -17.15 22.25 2.03
N GLY D 218 -17.53 20.99 2.14
CA GLY D 218 -18.65 20.43 1.39
C GLY D 218 -19.98 21.08 1.71
N ARG D 219 -20.16 21.49 2.96
CA ARG D 219 -21.37 22.20 3.39
C ARG D 219 -21.42 23.63 2.84
N GLN D 220 -20.26 24.27 2.73
CA GLN D 220 -20.21 25.64 2.20
C GLN D 220 -20.41 25.64 0.70
N TYR D 221 -19.71 24.75 0.02
CA TYR D 221 -19.66 24.74 -1.44
C TYR D 221 -21.02 24.44 -2.04
N PHE D 222 -21.75 23.50 -1.45
CA PHE D 222 -22.95 22.97 -2.08
C PHE D 222 -24.26 23.54 -1.50
N SER D 223 -25.19 23.86 -2.39
CA SER D 223 -26.55 24.27 -2.02
C SER D 223 -27.27 23.10 -1.42
N LYS D 224 -27.30 22.00 -2.18
CA LYS D 224 -27.82 20.72 -1.73
C LYS D 224 -26.76 19.63 -1.93
N PRO D 225 -26.71 18.61 -1.05
CA PRO D 225 -25.65 17.58 -1.11
C PRO D 225 -25.56 16.81 -2.44
N GLN D 226 -26.69 16.61 -3.12
CA GLN D 226 -26.73 15.91 -4.39
C GLN D 226 -25.90 16.58 -5.49
N ASP D 227 -25.63 17.87 -5.35
CA ASP D 227 -24.92 18.58 -6.41
C ASP D 227 -23.52 17.99 -6.64
N ALA D 228 -22.94 17.36 -5.62
CA ALA D 228 -21.63 16.73 -5.73
C ALA D 228 -21.57 15.62 -6.77
N LEU D 229 -22.74 15.11 -7.14
CA LEU D 229 -22.86 14.10 -8.21
C LEU D 229 -22.68 14.69 -9.59
N SER D 230 -22.86 16.01 -9.71
CA SER D 230 -22.60 16.68 -10.98
C SER D 230 -21.16 16.41 -11.39
N PRO D 231 -20.94 16.16 -12.69
CA PRO D 231 -19.58 15.98 -13.18
C PRO D 231 -18.76 17.27 -13.18
N TYR D 232 -19.44 18.41 -13.07
CA TYR D 232 -18.77 19.68 -12.92
C TYR D 232 -18.33 19.95 -11.49
N ALA D 233 -18.77 19.11 -10.55
CA ALA D 233 -18.25 19.13 -9.18
C ALA D 233 -17.30 17.97 -8.93
N SER D 234 -17.62 16.82 -9.50
CA SER D 234 -16.85 15.61 -9.34
C SER D 234 -16.46 15.11 -10.74
N PRO D 235 -15.41 15.71 -11.33
CA PRO D 235 -14.98 15.36 -12.69
C PRO D 235 -14.58 13.90 -12.88
N ILE D 236 -14.26 13.19 -11.79
CA ILE D 236 -13.97 11.75 -11.87
C ILE D 236 -15.16 10.93 -12.39
N PHE D 237 -16.37 11.52 -12.39
CA PHE D 237 -17.54 10.91 -12.99
C PHE D 237 -17.79 11.37 -14.43
N ALA D 238 -17.03 12.32 -14.92
CA ALA D 238 -17.26 12.89 -16.25
C ALA D 238 -16.81 11.94 -17.35
N ASP D 239 -17.27 12.19 -18.57
CA ASP D 239 -16.64 11.62 -19.73
C ASP D 239 -15.28 12.29 -19.85
N LEU D 240 -14.21 11.50 -19.94
CA LEU D 240 -12.85 12.05 -19.95
C LEU D 240 -12.16 11.92 -21.32
N SER D 241 -12.93 11.57 -22.34
CA SER D 241 -12.37 11.49 -23.68
C SER D 241 -12.04 12.88 -24.21
N ASN D 242 -11.07 12.95 -25.11
CA ASN D 242 -10.69 14.20 -25.77
CA ASN D 242 -10.72 14.19 -25.77
C ASN D 242 -10.37 15.34 -24.80
N LEU D 243 -9.70 15.02 -23.71
CA LEU D 243 -9.21 16.07 -22.81
C LEU D 243 -7.73 16.35 -23.09
N PRO D 244 -7.22 17.50 -22.65
CA PRO D 244 -5.81 17.79 -22.87
C PRO D 244 -4.86 16.95 -22.02
N PRO D 245 -3.63 16.73 -22.49
CA PRO D 245 -2.61 16.00 -21.72
C PRO D 245 -2.50 16.51 -20.29
N ALA D 246 -2.32 15.59 -19.34
CA ALA D 246 -2.38 15.94 -17.93
C ALA D 246 -1.15 15.53 -17.16
N LEU D 247 -0.69 16.42 -16.29
CA LEU D 247 0.21 16.04 -15.22
C LEU D 247 -0.56 16.18 -13.92
N VAL D 248 -0.58 15.12 -13.14
CA VAL D 248 -1.22 15.08 -11.82
C VAL D 248 -0.19 14.81 -10.73
N ILE D 249 -0.11 15.70 -9.75
CA ILE D 249 0.81 15.61 -8.64
C ILE D 249 0.04 15.18 -7.40
N THR D 250 0.48 14.11 -6.74
CA THR D 250 -0.17 13.68 -5.51
C THR D 250 0.83 13.69 -4.34
N ALA D 251 0.30 13.59 -3.13
CA ALA D 251 1.11 13.56 -1.91
C ALA D 251 0.82 12.27 -1.14
N GLU D 252 1.88 11.59 -0.72
CA GLU D 252 1.76 10.30 -0.04
C GLU D 252 0.76 10.34 1.12
N TYR D 253 0.85 11.36 1.96
CA TYR D 253 0.04 11.45 3.19
C TYR D 253 -1.09 12.45 3.03
N ASP D 254 -1.88 12.26 1.98
CA ASP D 254 -2.93 13.19 1.56
C ASP D 254 -4.25 12.43 1.40
N PRO D 255 -5.35 12.92 2.02
CA PRO D 255 -6.67 12.34 1.82
C PRO D 255 -7.09 12.19 0.36
N LEU D 256 -6.68 13.15 -0.47
CA LEU D 256 -7.04 13.20 -1.89
C LEU D 256 -6.09 12.38 -2.79
N ARG D 257 -5.14 11.69 -2.19
CA ARG D 257 -4.13 10.97 -2.95
C ARG D 257 -4.76 9.97 -3.90
N ASP D 258 -5.64 9.13 -3.36
CA ASP D 258 -6.20 8.03 -4.12
C ASP D 258 -6.99 8.50 -5.34
N GLU D 259 -7.88 9.49 -5.12
CA GLU D 259 -8.74 9.96 -6.20
C GLU D 259 -7.93 10.69 -7.28
N GLY D 260 -6.85 11.35 -6.87
CA GLY D 260 -5.93 12.00 -7.81
C GLY D 260 -5.27 10.98 -8.72
N GLU D 261 -4.73 9.91 -8.13
CA GLU D 261 -4.11 8.85 -8.92
C GLU D 261 -5.13 8.15 -9.80
N LEU D 262 -6.33 7.89 -9.27
CA LEU D 262 -7.42 7.30 -10.04
C LEU D 262 -7.79 8.15 -11.25
N TYR D 263 -7.79 9.48 -11.07
CA TYR D 263 -8.16 10.41 -12.15
C TYR D 263 -7.18 10.33 -13.32
N ALA D 264 -5.88 10.37 -13.04
CA ALA D 264 -4.87 10.22 -14.09
C ALA D 264 -5.07 8.91 -14.86
N HIS D 265 -5.32 7.81 -14.14
CA HIS D 265 -5.52 6.52 -14.79
C HIS D 265 -6.79 6.51 -15.67
N LEU D 266 -7.88 7.08 -15.15
CA LEU D 266 -9.11 7.15 -15.93
C LEU D 266 -8.89 7.95 -17.23
N LEU D 267 -8.15 9.05 -17.15
CA LEU D 267 -7.76 9.79 -18.35
C LEU D 267 -7.11 8.86 -19.39
N LYS D 268 -6.20 8.00 -18.92
CA LYS D 268 -5.48 7.07 -19.80
C LYS D 268 -6.42 6.06 -20.46
N THR D 269 -7.43 5.61 -19.71
CA THR D 269 -8.39 4.65 -20.24
C THR D 269 -9.17 5.24 -21.41
N ARG D 270 -9.31 6.57 -21.44
CA ARG D 270 -10.00 7.22 -22.56
C ARG D 270 -9.06 7.80 -23.63
N GLY D 271 -7.77 7.44 -23.59
CA GLY D 271 -6.79 7.80 -24.64
C GLY D 271 -6.12 9.16 -24.46
N VAL D 272 -6.31 9.76 -23.30
CA VAL D 272 -5.63 11.00 -22.97
C VAL D 272 -4.28 10.63 -22.36
N ARG D 273 -3.26 11.37 -22.77
CA ARG D 273 -1.92 11.25 -22.22
C ARG D 273 -1.89 11.89 -20.85
N ALA D 274 -1.47 11.12 -19.86
CA ALA D 274 -1.52 11.60 -18.49
C ALA D 274 -0.43 10.94 -17.67
N VAL D 275 0.17 11.72 -16.79
CA VAL D 275 1.18 11.22 -15.88
C VAL D 275 0.76 11.56 -14.45
N ALA D 276 0.79 10.56 -13.58
CA ALA D 276 0.59 10.79 -12.17
C ALA D 276 1.91 10.52 -11.46
N VAL D 277 2.32 11.48 -10.63
CA VAL D 277 3.56 11.36 -9.86
CA VAL D 277 3.55 11.34 -9.85
C VAL D 277 3.24 11.59 -8.38
N ARG D 278 3.64 10.65 -7.53
CA ARG D 278 3.40 10.79 -6.09
C ARG D 278 4.65 11.30 -5.38
N TYR D 279 4.50 12.42 -4.68
CA TYR D 279 5.59 12.93 -3.85
C TYR D 279 5.53 12.25 -2.50
N ASN D 280 6.62 11.56 -2.14
CA ASN D 280 6.65 10.82 -0.87
C ASN D 280 6.95 11.71 0.31
N GLY D 281 6.52 11.24 1.49
CA GLY D 281 6.89 11.87 2.76
C GLY D 281 6.14 13.14 3.09
N VAL D 282 5.18 13.53 2.26
CA VAL D 282 4.58 14.85 2.42
C VAL D 282 3.06 14.78 2.44
N ILE D 283 2.43 15.90 2.78
CA ILE D 283 1.00 15.99 2.97
C ILE D 283 0.33 16.86 1.92
N HIS D 284 -0.99 16.88 1.92
CA HIS D 284 -1.73 17.82 1.11
C HIS D 284 -1.22 19.27 1.31
N GLY D 285 -1.18 20.04 0.22
CA GLY D 285 -0.79 21.47 0.27
C GLY D 285 0.71 21.73 0.28
N PHE D 286 1.52 20.68 0.12
CA PHE D 286 2.96 20.78 0.42
C PHE D 286 3.72 21.77 -0.49
N VAL D 287 3.23 21.98 -1.71
CA VAL D 287 3.85 22.92 -2.65
C VAL D 287 3.99 24.33 -2.08
N ASN D 288 2.94 24.84 -1.44
CA ASN D 288 2.99 26.20 -0.85
C ASN D 288 4.07 26.38 0.22
N PHE D 289 4.56 25.26 0.76
CA PHE D 289 5.60 25.22 1.78
C PHE D 289 7.04 25.17 1.21
N TYR D 290 7.19 25.33 -0.10
CA TYR D 290 8.50 25.15 -0.75
C TYR D 290 9.67 25.94 -0.13
N PRO D 291 9.42 27.12 0.44
CA PRO D 291 10.59 27.78 1.03
C PRO D 291 11.27 26.96 2.13
N ILE D 292 10.51 26.08 2.78
CA ILE D 292 11.03 25.25 3.87
C ILE D 292 10.96 23.72 3.60
N LEU D 293 10.44 23.30 2.45
CA LEU D 293 10.33 21.87 2.11
C LEU D 293 10.95 21.59 0.74
N GLU D 294 11.96 20.72 0.70
CA GLU D 294 12.61 20.34 -0.55
C GLU D 294 11.59 19.76 -1.54
N GLU D 295 10.60 19.02 -1.03
CA GLU D 295 9.54 18.46 -1.91
C GLU D 295 8.80 19.55 -2.64
N GLY D 296 8.58 20.67 -1.94
CA GLY D 296 7.88 21.81 -2.52
C GLY D 296 8.65 22.43 -3.67
N ARG D 297 9.93 22.69 -3.45
CA ARG D 297 10.79 23.24 -4.49
C ARG D 297 10.92 22.31 -5.68
N GLU D 298 11.00 21.01 -5.42
CA GLU D 298 11.11 20.05 -6.53
C GLU D 298 9.82 20.04 -7.37
N ALA D 299 8.68 20.12 -6.69
CA ALA D 299 7.38 20.12 -7.34
C ALA D 299 7.21 21.32 -8.26
N VAL D 300 7.57 22.49 -7.76
CA VAL D 300 7.45 23.71 -8.56
C VAL D 300 8.35 23.61 -9.79
N SER D 301 9.55 23.08 -9.60
CA SER D 301 10.48 22.87 -10.68
C SER D 301 9.88 21.92 -11.69
N GLN D 302 9.39 20.78 -11.23
CA GLN D 302 8.78 19.77 -12.12
C GLN D 302 7.63 20.35 -12.92
N ILE D 303 6.69 21.00 -12.24
CA ILE D 303 5.49 21.56 -12.85
C ILE D 303 5.82 22.62 -13.94
N ALA D 304 6.70 23.56 -13.58
CA ALA D 304 7.09 24.60 -14.49
C ALA D 304 7.79 24.04 -15.74
N ALA D 305 8.70 23.08 -15.55
CA ALA D 305 9.39 22.46 -16.69
C ALA D 305 8.40 21.70 -17.56
N SER D 306 7.47 20.98 -16.92
CA SER D 306 6.48 20.20 -17.67
C SER D 306 5.58 21.10 -18.51
N ILE D 307 5.19 22.24 -17.97
CA ILE D 307 4.38 23.23 -18.70
C ILE D 307 5.18 23.83 -19.84
N LYS D 308 6.41 24.25 -19.54
CA LYS D 308 7.27 24.89 -20.54
C LYS D 308 7.41 24.02 -21.78
N SER D 309 7.77 22.77 -21.58
CA SER D 309 7.98 21.86 -22.70
C SER D 309 6.70 21.06 -23.05
N MET D 310 5.63 21.20 -22.28
CA MET D 310 4.43 20.38 -22.42
C MET D 310 4.82 18.90 -22.53
N ALA D 311 5.55 18.46 -21.51
CA ALA D 311 6.30 17.22 -21.57
C ALA D 311 5.41 15.99 -21.76
N VAL D 312 4.26 15.96 -21.10
CA VAL D 312 3.32 14.83 -21.22
C VAL D 312 2.67 14.67 -22.61
N ALA D 313 2.57 15.75 -23.38
CA ALA D 313 1.82 15.76 -24.66
C ALA D 313 2.38 14.78 -25.65
S SO4 E . -42.42 -20.57 17.68
O1 SO4 E . -43.16 -19.93 16.60
O2 SO4 E . -43.27 -21.53 18.36
O3 SO4 E . -41.93 -19.56 18.60
O4 SO4 E . -41.28 -21.28 17.10
#